data_3TI3
#
_entry.id   3TI3
#
_cell.length_a   118.260
_cell.length_b   137.089
_cell.length_c   118.482
_cell.angle_alpha   90.00
_cell.angle_beta   90.00
_cell.angle_gamma   90.00
#
_symmetry.space_group_name_H-M   'C 2 2 21'
#
loop_
_entity.id
_entity.type
_entity.pdbx_description
1 polymer Neuraminidase
2 branched 2-acetamido-2-deoxy-beta-D-glucopyranose-(1-4)-2-acetamido-2-deoxy-beta-D-glucopyranose
3 non-polymer 2-acetamido-2-deoxy-beta-D-glucopyranose
4 non-polymer 'CALCIUM ION'
5 non-polymer '5-acetamido-2,6-anhydro-4-carbamimidamido-3,4,5-trideoxy-7-O-methyl-D-glycero-D-galacto-non-2-enonic acid'
6 non-polymer GLYCEROL
7 non-polymer 'ACETATE ION'
8 water water
#
_entity_poly.entity_id   1
_entity_poly.type   'polypeptide(L)'
_entity_poly.pdbx_seq_one_letter_code
;SVKLAGNSSLCPVSGWAIYSKDNSVRIGSKGDVFVIREPFISCSPLECRTFFLTQGALLNDKHSNGTIKDRSPYRTLMSC
PIGEVPSPYNSRFESVAWSASACHDGINWLTIGISGPDNGAVAVLKYNGIITDTIKSWRNNILRTQESECACVNGSCFTV
MTDGPSNGQASYKIFRIEKGKIVKSVEMNAPNYHYEECSCYPDSSEITCVCRDNWHGSNRPWVSFNQNLEYQIGYICSGI
FGDNPRPNDKTGSCGPVSSNGANGVKGFSFKYGNGVWIGRTKSISSRNGFEMIWDPNGWTGTDNNFSIKQDIVGINEWSG
YSGSFVQHPELTGLDCIRPCFWVELIRGRPKENTIWTSGSSISFCGVNSDTVGWSWPDGAELPFTIDK
;
_entity_poly.pdbx_strand_id   A,B
#
# COMPACT_ATOMS: atom_id res chain seq x y z
N SER A 1 0.42 0.74 -27.28
CA SER A 1 -0.19 0.37 -26.01
C SER A 1 -1.66 0.02 -26.21
N VAL A 2 -2.00 -1.26 -26.05
CA VAL A 2 -3.36 -1.69 -26.38
C VAL A 2 -3.96 -2.72 -25.43
N LYS A 3 -5.28 -2.67 -25.27
CA LYS A 3 -5.98 -3.59 -24.38
C LYS A 3 -5.80 -5.04 -24.81
N LEU A 4 -5.63 -5.94 -23.83
CA LEU A 4 -5.61 -7.36 -24.10
C LEU A 4 -6.95 -7.79 -24.67
N ALA A 5 -6.93 -8.56 -25.76
CA ALA A 5 -8.17 -9.01 -26.39
C ALA A 5 -8.87 -10.06 -25.54
N GLY A 6 -8.12 -11.10 -25.18
CA GLY A 6 -8.65 -12.17 -24.36
C GLY A 6 -9.74 -12.97 -25.04
N ASN A 7 -9.73 -13.00 -26.36
CA ASN A 7 -10.79 -13.66 -27.11
C ASN A 7 -10.38 -14.99 -27.76
N SER A 8 -9.11 -15.35 -27.65
CA SER A 8 -8.64 -16.63 -28.16
C SER A 8 -8.80 -17.69 -27.08
N SER A 9 -8.73 -18.95 -27.48
CA SER A 9 -8.94 -20.04 -26.55
C SER A 9 -7.66 -20.36 -25.76
N LEU A 10 -7.84 -21.06 -24.65
CA LEU A 10 -6.72 -21.52 -23.83
C LEU A 10 -5.89 -22.53 -24.63
N CYS A 11 -4.57 -22.40 -24.57
CA CYS A 11 -3.69 -23.32 -25.28
C CYS A 11 -3.75 -24.71 -24.64
N PRO A 12 -4.13 -25.73 -25.41
CA PRO A 12 -4.00 -27.07 -24.85
C PRO A 12 -2.53 -27.41 -24.65
N VAL A 13 -2.23 -28.16 -23.60
CA VAL A 13 -0.83 -28.46 -23.25
C VAL A 13 -0.69 -29.91 -22.84
N SER A 14 0.50 -30.48 -23.04
CA SER A 14 0.73 -31.88 -22.72
C SER A 14 1.58 -32.02 -21.46
N GLY A 15 2.21 -30.93 -21.05
CA GLY A 15 3.10 -30.98 -19.90
C GLY A 15 3.50 -29.59 -19.45
N TRP A 16 4.26 -29.53 -18.36
CA TRP A 16 4.61 -28.26 -17.75
C TRP A 16 6.13 -28.09 -17.61
N ALA A 17 6.65 -27.04 -18.22
CA ALA A 17 8.06 -26.73 -18.16
C ALA A 17 8.32 -25.70 -17.07
N ILE A 18 9.37 -25.91 -16.28
CA ILE A 18 9.64 -25.01 -15.18
C ILE A 18 10.01 -23.61 -15.68
N TYR A 19 9.44 -22.60 -15.02
CA TYR A 19 9.54 -21.22 -15.48
C TYR A 19 10.35 -20.36 -14.52
N SER A 20 10.10 -20.51 -13.23
CA SER A 20 10.83 -19.73 -12.23
C SER A 20 10.99 -20.44 -10.89
N LYS A 21 11.98 -20.00 -10.13
CA LYS A 21 12.16 -20.42 -8.74
C LYS A 21 12.96 -19.33 -8.04
N ASP A 22 12.47 -18.82 -6.92
CA ASP A 22 13.12 -17.67 -6.30
C ASP A 22 14.04 -17.99 -5.11
N ASN A 23 13.88 -19.17 -4.51
CA ASN A 23 14.72 -19.57 -3.38
C ASN A 23 14.69 -18.55 -2.24
N SER A 24 13.54 -17.90 -2.06
CA SER A 24 13.42 -16.79 -1.13
C SER A 24 13.85 -17.11 0.30
N VAL A 25 13.42 -18.25 0.82
CA VAL A 25 13.70 -18.58 2.22
C VAL A 25 15.17 -18.94 2.42
N ARG A 26 15.74 -19.70 1.50
CA ARG A 26 17.17 -20.03 1.54
C ARG A 26 18.01 -18.76 1.57
N ILE A 27 17.67 -17.81 0.72
CA ILE A 27 18.40 -16.57 0.60
C ILE A 27 18.16 -15.65 1.79
N GLY A 28 16.92 -15.66 2.30
CA GLY A 28 16.55 -14.83 3.43
C GLY A 28 17.28 -15.18 4.71
N SER A 29 17.92 -16.34 4.73
CA SER A 29 18.71 -16.75 5.89
C SER A 29 19.79 -15.71 6.19
N LYS A 30 20.30 -15.07 5.14
CA LYS A 30 21.28 -14.01 5.31
C LYS A 30 20.81 -12.69 4.71
N GLY A 31 20.27 -12.75 3.49
CA GLY A 31 19.86 -11.57 2.78
C GLY A 31 18.64 -10.91 3.36
N ASP A 32 18.34 -9.71 2.89
CA ASP A 32 17.19 -8.97 3.38
C ASP A 32 15.95 -9.29 2.53
N VAL A 33 15.25 -10.34 2.93
CA VAL A 33 14.10 -10.83 2.19
C VAL A 33 12.85 -10.72 3.05
N PHE A 34 11.77 -10.20 2.49
CA PHE A 34 10.52 -10.06 3.22
C PHE A 34 10.00 -11.41 3.70
N VAL A 35 9.44 -11.41 4.91
CA VAL A 35 8.58 -12.51 5.31
C VAL A 35 7.31 -12.33 4.49
N ILE A 36 6.90 -13.36 3.76
CA ILE A 36 5.72 -13.25 2.93
C ILE A 36 4.87 -14.50 2.96
N ARG A 37 3.63 -14.37 2.48
CA ARG A 37 2.84 -15.53 2.11
C ARG A 37 1.82 -15.09 1.06
N GLU A 38 1.04 -16.03 0.55
CA GLU A 38 0.07 -15.74 -0.48
C GLU A 38 0.69 -15.02 -1.68
N PRO A 39 1.77 -15.60 -2.23
CA PRO A 39 2.35 -14.98 -3.43
C PRO A 39 1.53 -15.36 -4.64
N PHE A 40 1.64 -14.58 -5.72
CA PHE A 40 1.06 -14.99 -6.98
C PHE A 40 1.76 -14.29 -8.11
N ILE A 41 1.63 -14.82 -9.31
CA ILE A 41 2.23 -14.11 -10.42
CA ILE A 41 2.25 -14.25 -10.50
C ILE A 41 1.19 -13.63 -11.43
N SER A 42 1.55 -12.55 -12.12
CA SER A 42 0.68 -11.93 -13.10
C SER A 42 1.55 -11.18 -14.11
N CYS A 43 1.11 -11.15 -15.37
CA CYS A 43 1.92 -10.59 -16.44
C CYS A 43 1.26 -9.40 -17.13
N SER A 44 2.09 -8.54 -17.72
CA SER A 44 1.62 -7.47 -18.59
C SER A 44 1.97 -7.89 -20.02
N PRO A 45 1.72 -7.00 -21.00
CA PRO A 45 2.20 -7.34 -22.35
C PRO A 45 3.72 -7.32 -22.43
N LEU A 46 4.39 -6.86 -21.37
CA LEU A 46 5.84 -6.72 -21.39
C LEU A 46 6.59 -7.63 -20.42
N GLU A 47 6.03 -7.83 -19.22
CA GLU A 47 6.75 -8.59 -18.19
C GLU A 47 5.83 -9.36 -17.27
N CYS A 48 6.41 -10.29 -16.52
CA CYS A 48 5.69 -11.04 -15.50
C CYS A 48 6.24 -10.70 -14.13
N ARG A 49 5.36 -10.51 -13.16
CA ARG A 49 5.78 -10.08 -11.83
C ARG A 49 5.24 -11.02 -10.75
N THR A 50 5.98 -11.17 -9.67
CA THR A 50 5.48 -11.88 -8.50
C THR A 50 4.86 -10.88 -7.54
N PHE A 51 3.57 -11.05 -7.24
CA PHE A 51 2.92 -10.27 -6.19
C PHE A 51 2.92 -11.09 -4.91
N PHE A 52 2.88 -10.41 -3.77
CA PHE A 52 2.95 -11.11 -2.49
C PHE A 52 2.50 -10.24 -1.34
N LEU A 53 2.04 -10.88 -0.26
CA LEU A 53 1.66 -10.17 0.95
C LEU A 53 2.77 -10.25 1.97
N THR A 54 3.47 -9.13 2.18
CA THR A 54 4.52 -9.09 3.19
C THR A 54 3.89 -9.12 4.57
N GLN A 55 4.72 -9.36 5.58
CA GLN A 55 4.29 -9.25 6.97
C GLN A 55 4.97 -8.04 7.59
N GLY A 56 5.41 -7.12 6.74
CA GLY A 56 6.08 -5.90 7.18
C GLY A 56 7.32 -6.21 8.00
N ALA A 57 8.00 -7.30 7.67
CA ALA A 57 9.19 -7.73 8.39
C ALA A 57 10.10 -8.55 7.49
N LEU A 58 11.35 -8.73 7.91
CA LEU A 58 12.30 -9.53 7.16
C LEU A 58 12.57 -10.87 7.82
N LEU A 59 12.97 -11.85 7.03
CA LEU A 59 13.36 -13.16 7.55
C LEU A 59 14.56 -13.05 8.48
N ASN A 60 14.57 -13.89 9.51
CA ASN A 60 15.66 -13.95 10.48
C ASN A 60 15.79 -12.68 11.30
N ASP A 61 14.70 -11.94 11.42
CA ASP A 61 14.61 -10.80 12.32
C ASP A 61 13.49 -11.03 13.32
N LYS A 62 13.59 -10.40 14.48
CA LYS A 62 12.62 -10.62 15.55
C LYS A 62 11.19 -10.22 15.15
N HIS A 63 11.06 -9.31 14.19
CA HIS A 63 9.73 -8.87 13.78
C HIS A 63 8.99 -9.93 12.95
N SER A 64 9.68 -11.00 12.61
CA SER A 64 9.04 -12.13 11.92
C SER A 64 8.27 -12.99 12.92
N ASN A 65 8.40 -12.65 14.19
CA ASN A 65 7.71 -13.38 15.25
C ASN A 65 6.20 -13.34 15.07
N GLY A 66 5.57 -14.50 15.18
CA GLY A 66 4.12 -14.58 15.14
C GLY A 66 3.49 -14.45 13.77
N THR A 67 4.29 -14.57 12.72
CA THR A 67 3.81 -14.34 11.36
C THR A 67 2.92 -15.45 10.80
N ILE A 68 2.58 -16.43 11.63
CA ILE A 68 1.56 -17.38 11.25
C ILE A 68 0.22 -16.64 11.14
N LYS A 69 0.13 -15.51 11.84
CA LYS A 69 -1.08 -14.71 11.87
C LYS A 69 -1.44 -14.20 10.47
N ASP A 70 -2.72 -14.31 10.11
CA ASP A 70 -3.15 -14.00 8.76
C ASP A 70 -3.30 -12.52 8.44
N ARG A 71 -3.82 -11.76 9.40
CA ARG A 71 -4.18 -10.38 9.15
C ARG A 71 -3.63 -9.41 10.19
N SER A 72 -3.12 -8.28 9.70
CA SER A 72 -2.58 -7.24 10.57
C SER A 72 -2.50 -5.94 9.79
N PRO A 73 -2.28 -4.83 10.50
CA PRO A 73 -2.14 -3.52 9.84
C PRO A 73 -0.79 -3.40 9.12
N TYR A 74 0.09 -4.38 9.30
CA TYR A 74 1.45 -4.27 8.76
C TYR A 74 1.61 -4.94 7.41
N ARG A 75 0.67 -5.81 7.06
CA ARG A 75 0.77 -6.54 5.80
C ARG A 75 0.55 -5.63 4.60
N THR A 76 1.41 -5.77 3.60
CA THR A 76 1.32 -4.95 2.40
C THR A 76 1.47 -5.80 1.16
N LEU A 77 0.74 -5.44 0.12
CA LEU A 77 0.89 -6.05 -1.19
C LEU A 77 2.03 -5.36 -1.92
N MET A 78 3.02 -6.14 -2.33
CA MET A 78 4.15 -5.61 -3.09
C MET A 78 4.44 -6.56 -4.24
N SER A 79 5.33 -6.17 -5.14
CA SER A 79 5.65 -7.01 -6.28
C SER A 79 7.09 -6.83 -6.73
N CYS A 80 7.63 -7.85 -7.37
CA CYS A 80 8.98 -7.77 -7.93
C CYS A 80 9.01 -8.62 -9.21
N PRO A 81 10.05 -8.47 -10.02
CA PRO A 81 10.15 -9.28 -11.23
C PRO A 81 10.13 -10.76 -10.87
N ILE A 82 9.54 -11.57 -11.74
CA ILE A 82 9.41 -12.98 -11.44
C ILE A 82 10.78 -13.66 -11.25
N GLY A 83 10.87 -14.55 -10.28
CA GLY A 83 12.10 -15.28 -10.04
C GLY A 83 13.07 -14.61 -9.08
N GLU A 84 12.86 -13.32 -8.81
CA GLU A 84 13.69 -12.61 -7.86
C GLU A 84 13.12 -12.74 -6.45
N VAL A 85 13.99 -12.67 -5.44
CA VAL A 85 13.54 -12.70 -4.06
C VAL A 85 12.81 -11.40 -3.73
N PRO A 86 11.75 -11.48 -2.94
CA PRO A 86 11.02 -10.28 -2.51
C PRO A 86 11.81 -9.53 -1.45
N SER A 87 12.50 -8.47 -1.86
CA SER A 87 13.32 -7.68 -0.95
CA SER A 87 13.31 -7.68 -0.95
C SER A 87 12.88 -6.22 -0.95
N PRO A 88 13.16 -5.51 0.15
CA PRO A 88 12.85 -4.07 0.19
C PRO A 88 13.63 -3.32 -0.88
N TYR A 89 14.66 -3.96 -1.45
CA TYR A 89 15.54 -3.27 -2.39
C TYR A 89 15.17 -3.49 -3.86
N ASN A 90 14.25 -4.42 -4.12
CA ASN A 90 13.83 -4.70 -5.49
C ASN A 90 12.32 -4.78 -5.66
N SER A 91 11.59 -4.43 -4.61
CA SER A 91 10.13 -4.58 -4.62
C SER A 91 9.37 -3.27 -4.75
N ARG A 92 8.39 -3.27 -5.64
CA ARG A 92 7.48 -2.14 -5.83
C ARG A 92 6.35 -2.22 -4.81
N PHE A 93 6.03 -1.09 -4.18
CA PHE A 93 4.88 -1.07 -3.28
C PHE A 93 3.58 -0.96 -4.08
N GLU A 94 2.60 -1.78 -3.73
CA GLU A 94 1.32 -1.77 -4.44
C GLU A 94 0.18 -1.23 -3.58
N SER A 95 -0.03 -1.83 -2.41
CA SER A 95 -1.16 -1.48 -1.57
C SER A 95 -0.99 -2.03 -0.15
N VAL A 96 -1.72 -1.47 0.80
CA VAL A 96 -1.77 -2.03 2.14
C VAL A 96 -2.84 -3.11 2.13
N ALA A 97 -2.50 -4.34 2.49
CA ALA A 97 -3.44 -5.44 2.31
C ALA A 97 -3.05 -6.73 3.03
N TRP A 98 -4.07 -7.43 3.53
CA TRP A 98 -3.89 -8.80 4.01
C TRP A 98 -4.67 -9.81 3.14
N SER A 99 -5.26 -9.29 2.08
CA SER A 99 -5.86 -10.12 1.02
C SER A 99 -5.82 -9.29 -0.26
N ALA A 100 -5.56 -9.93 -1.39
CA ALA A 100 -5.30 -9.16 -2.61
C ALA A 100 -5.51 -9.90 -3.93
N SER A 101 -5.56 -9.11 -5.00
CA SER A 101 -5.55 -9.60 -6.37
CA SER A 101 -5.39 -9.64 -6.35
C SER A 101 -4.86 -8.54 -7.24
N ALA A 102 -4.47 -8.90 -8.45
CA ALA A 102 -3.90 -7.91 -9.37
C ALA A 102 -3.90 -8.47 -10.78
N CYS A 103 -3.95 -7.58 -11.76
CA CYS A 103 -3.92 -7.97 -13.17
C CYS A 103 -3.73 -6.77 -14.09
N HIS A 104 -3.21 -7.03 -15.28
CA HIS A 104 -2.90 -5.97 -16.25
C HIS A 104 -3.87 -6.09 -17.42
N ASP A 105 -4.53 -4.99 -17.77
CA ASP A 105 -5.51 -5.01 -18.86
C ASP A 105 -4.88 -4.74 -20.23
N GLY A 106 -3.55 -4.60 -20.24
CA GLY A 106 -2.84 -4.28 -21.47
C GLY A 106 -2.36 -2.85 -21.48
N ILE A 107 -3.00 -2.01 -20.67
CA ILE A 107 -2.62 -0.60 -20.57
C ILE A 107 -1.95 -0.32 -19.23
N ASN A 108 -2.60 -0.72 -18.15
CA ASN A 108 -2.09 -0.47 -16.80
C ASN A 108 -2.36 -1.61 -15.84
N TRP A 109 -1.72 -1.55 -14.67
CA TRP A 109 -1.95 -2.52 -13.61
C TRP A 109 -3.16 -2.14 -12.77
N LEU A 110 -4.03 -3.11 -12.56
CA LEU A 110 -5.08 -3.01 -11.56
C LEU A 110 -4.62 -3.80 -10.34
N THR A 111 -4.64 -3.18 -9.18
CA THR A 111 -4.38 -3.92 -7.95
C THR A 111 -5.54 -3.75 -6.99
N ILE A 112 -5.82 -4.81 -6.24
CA ILE A 112 -6.89 -4.79 -5.25
C ILE A 112 -6.29 -5.22 -3.92
N GLY A 113 -6.37 -4.35 -2.93
CA GLY A 113 -5.80 -4.64 -1.62
C GLY A 113 -6.79 -4.41 -0.50
N ILE A 114 -7.07 -5.46 0.27
CA ILE A 114 -8.03 -5.38 1.36
C ILE A 114 -7.33 -5.23 2.70
N SER A 115 -7.69 -4.19 3.44
CA SER A 115 -7.16 -4.00 4.79
C SER A 115 -8.29 -3.51 5.70
N GLY A 116 -7.96 -3.21 6.95
CA GLY A 116 -8.96 -2.79 7.92
C GLY A 116 -9.36 -3.91 8.85
N PRO A 117 -10.33 -3.65 9.73
CA PRO A 117 -10.76 -4.61 10.75
C PRO A 117 -11.56 -5.77 10.15
N ASP A 118 -11.57 -6.91 10.85
CA ASP A 118 -12.29 -8.08 10.40
C ASP A 118 -13.78 -7.81 10.16
N ASN A 119 -14.34 -6.91 10.94
CA ASN A 119 -15.78 -6.65 10.87
C ASN A 119 -16.17 -5.50 9.93
N GLY A 120 -15.20 -4.98 9.18
CA GLY A 120 -15.47 -3.88 8.27
C GLY A 120 -14.34 -3.60 7.30
N ALA A 121 -13.74 -4.65 6.77
CA ALA A 121 -12.60 -4.52 5.85
C ALA A 121 -12.97 -3.75 4.58
N VAL A 122 -11.98 -3.08 4.01
CA VAL A 122 -12.21 -2.32 2.78
C VAL A 122 -11.21 -2.68 1.70
N ALA A 123 -11.72 -3.02 0.52
CA ALA A 123 -10.86 -3.27 -0.63
C ALA A 123 -10.55 -1.96 -1.34
N VAL A 124 -9.27 -1.63 -1.45
CA VAL A 124 -8.85 -0.44 -2.18
C VAL A 124 -8.37 -0.83 -3.56
N LEU A 125 -9.04 -0.30 -4.58
CA LEU A 125 -8.66 -0.59 -5.97
C LEU A 125 -7.77 0.50 -6.52
N LYS A 126 -6.68 0.11 -7.16
CA LYS A 126 -5.77 1.05 -7.79
C LYS A 126 -5.59 0.75 -9.27
N TYR A 127 -5.51 1.80 -10.08
CA TYR A 127 -5.21 1.66 -11.49
C TYR A 127 -3.99 2.53 -11.75
N ASN A 128 -2.89 1.90 -12.16
CA ASN A 128 -1.62 2.61 -12.31
C ASN A 128 -1.20 3.27 -11.00
N GLY A 129 -1.46 2.61 -9.89
CA GLY A 129 -1.02 3.09 -8.59
C GLY A 129 -1.83 4.26 -8.03
N ILE A 130 -2.92 4.59 -8.70
CA ILE A 130 -3.83 5.64 -8.25
C ILE A 130 -5.13 5.01 -7.77
N ILE A 131 -5.58 5.41 -6.57
CA ILE A 131 -6.82 4.85 -6.04
C ILE A 131 -8.01 5.24 -6.93
N THR A 132 -8.76 4.23 -7.36
CA THR A 132 -9.84 4.45 -8.31
C THR A 132 -11.19 4.01 -7.76
N ASP A 133 -11.18 3.21 -6.70
CA ASP A 133 -12.43 2.72 -6.14
C ASP A 133 -12.19 1.99 -4.85
N THR A 134 -13.27 1.79 -4.09
CA THR A 134 -13.21 0.97 -2.90
C THR A 134 -14.52 0.18 -2.81
N ILE A 135 -14.46 -0.96 -2.13
CA ILE A 135 -15.67 -1.72 -1.84
C ILE A 135 -15.52 -2.25 -0.41
N LYS A 136 -16.54 -2.00 0.40
CA LYS A 136 -16.48 -2.35 1.82
C LYS A 136 -17.24 -3.64 2.12
N SER A 137 -16.75 -4.36 3.13
CA SER A 137 -17.40 -5.57 3.63
C SER A 137 -18.90 -5.39 3.70
N TRP A 138 -19.65 -6.36 3.17
CA TRP A 138 -21.11 -6.29 3.19
C TRP A 138 -21.73 -7.31 4.16
N ARG A 139 -20.91 -8.22 4.68
CA ARG A 139 -21.35 -9.16 5.71
C ARG A 139 -20.58 -8.98 7.01
N ASN A 140 -19.67 -8.01 7.02
CA ASN A 140 -18.90 -7.70 8.23
C ASN A 140 -18.17 -8.93 8.78
N ASN A 141 -17.67 -9.79 7.90
CA ASN A 141 -16.98 -10.99 8.33
C ASN A 141 -15.82 -11.36 7.41
N ILE A 142 -14.74 -10.59 7.52
CA ILE A 142 -13.50 -10.85 6.78
C ILE A 142 -13.70 -10.86 5.26
N LEU A 143 -13.96 -9.68 4.70
CA LEU A 143 -13.97 -9.53 3.25
C LEU A 143 -12.65 -10.06 2.73
N ARG A 144 -12.70 -10.90 1.71
CA ARG A 144 -11.49 -11.54 1.20
C ARG A 144 -11.58 -11.84 -0.29
N THR A 145 -10.44 -11.93 -0.95
CA THR A 145 -10.44 -12.11 -2.40
C THR A 145 -9.47 -13.21 -2.89
N GLN A 146 -9.04 -13.12 -4.14
CA GLN A 146 -8.37 -14.23 -4.84
C GLN A 146 -7.05 -14.73 -4.26
N GLU A 147 -6.16 -13.80 -3.93
CA GLU A 147 -4.76 -14.14 -3.66
C GLU A 147 -4.11 -14.70 -4.92
N SER A 148 -4.70 -14.39 -6.07
CA SER A 148 -4.06 -14.63 -7.36
C SER A 148 -4.56 -13.60 -8.36
N GLU A 149 -4.10 -13.69 -9.60
CA GLU A 149 -4.40 -12.64 -10.58
C GLU A 149 -5.87 -12.61 -10.98
N CYS A 150 -6.40 -11.39 -11.13
CA CYS A 150 -7.70 -11.21 -11.76
C CYS A 150 -7.59 -11.50 -13.26
N ALA A 151 -8.71 -11.52 -13.96
CA ALA A 151 -8.72 -11.87 -15.38
C ALA A 151 -9.27 -10.73 -16.24
N CYS A 152 -8.56 -10.41 -17.32
CA CYS A 152 -8.96 -9.28 -18.17
C CYS A 152 -9.35 -9.69 -19.58
N VAL A 153 -10.43 -9.09 -20.07
CA VAL A 153 -10.90 -9.31 -21.43
C VAL A 153 -11.39 -7.98 -22.01
N ASN A 154 -10.78 -7.58 -23.12
CA ASN A 154 -11.16 -6.36 -23.83
C ASN A 154 -11.39 -5.13 -22.95
N GLY A 155 -10.43 -4.87 -22.05
CA GLY A 155 -10.48 -3.65 -21.24
C GLY A 155 -11.27 -3.78 -19.96
N SER A 156 -11.88 -4.94 -19.75
CA SER A 156 -12.59 -5.21 -18.51
C SER A 156 -11.88 -6.33 -17.76
N CYS A 157 -11.67 -6.13 -16.47
CA CYS A 157 -11.06 -7.15 -15.62
C CYS A 157 -12.07 -7.62 -14.58
N PHE A 158 -11.96 -8.87 -14.17
CA PHE A 158 -12.94 -9.50 -13.30
C PHE A 158 -12.29 -10.17 -12.10
N THR A 159 -12.97 -10.11 -10.95
CA THR A 159 -12.50 -10.80 -9.75
C THR A 159 -13.69 -11.33 -8.94
N VAL A 160 -13.40 -12.15 -7.93
CA VAL A 160 -14.43 -12.65 -7.04
C VAL A 160 -14.05 -12.34 -5.60
N MET A 161 -15.01 -11.91 -4.81
CA MET A 161 -14.77 -11.66 -3.39
C MET A 161 -15.78 -12.40 -2.52
N THR A 162 -15.35 -12.74 -1.32
CA THR A 162 -16.20 -13.45 -0.38
C THR A 162 -16.28 -12.71 0.95
N ASP A 163 -17.44 -12.81 1.58
CA ASP A 163 -17.65 -12.20 2.90
C ASP A 163 -18.59 -13.11 3.66
N GLY A 164 -18.25 -13.41 4.91
CA GLY A 164 -19.03 -14.34 5.70
C GLY A 164 -18.18 -15.47 6.25
N PRO A 165 -18.84 -16.45 6.91
CA PRO A 165 -18.19 -17.57 7.59
C PRO A 165 -17.21 -18.37 6.72
N SER A 166 -16.17 -18.89 7.37
CA SER A 166 -15.21 -19.75 6.71
C SER A 166 -15.63 -21.21 6.90
N ASN A 167 -16.61 -21.42 7.75
CA ASN A 167 -17.05 -22.77 8.11
C ASN A 167 -18.55 -22.97 7.89
N GLY A 168 -19.11 -22.23 6.94
CA GLY A 168 -20.52 -22.34 6.65
C GLY A 168 -20.89 -21.45 5.48
N GLN A 169 -22.18 -21.34 5.21
CA GLN A 169 -22.64 -20.55 4.07
C GLN A 169 -22.14 -19.12 4.17
N ALA A 170 -21.53 -18.65 3.08
CA ALA A 170 -21.07 -17.27 3.01
C ALA A 170 -21.67 -16.58 1.78
N SER A 171 -21.17 -15.38 1.49
CA SER A 171 -21.65 -14.59 0.37
C SER A 171 -20.53 -14.37 -0.63
N TYR A 172 -20.84 -14.55 -1.92
CA TYR A 172 -19.83 -14.49 -2.97
C TYR A 172 -20.28 -13.53 -4.06
N LYS A 173 -19.43 -12.58 -4.42
CA LYS A 173 -19.76 -11.60 -5.45
C LYS A 173 -18.74 -11.57 -6.57
N ILE A 174 -19.22 -11.40 -7.80
CA ILE A 174 -18.36 -11.21 -8.96
C ILE A 174 -18.31 -9.74 -9.33
N PHE A 175 -17.14 -9.25 -9.70
CA PHE A 175 -16.97 -7.84 -10.05
C PHE A 175 -16.42 -7.64 -11.45
N ARG A 176 -16.97 -6.66 -12.17
CA ARG A 176 -16.42 -6.23 -13.44
C ARG A 176 -15.80 -4.86 -13.22
N ILE A 177 -14.52 -4.73 -13.58
CA ILE A 177 -13.78 -3.52 -13.29
C ILE A 177 -13.18 -2.94 -14.57
N GLU A 178 -13.39 -1.64 -14.78
CA GLU A 178 -12.82 -0.96 -15.93
C GLU A 178 -11.99 0.25 -15.52
N LYS A 179 -10.70 0.21 -15.85
CA LYS A 179 -9.80 1.28 -15.46
C LYS A 179 -9.88 1.53 -13.95
N GLY A 180 -9.96 0.44 -13.20
CA GLY A 180 -9.92 0.51 -11.75
C GLY A 180 -11.24 0.85 -11.10
N LYS A 181 -12.27 1.05 -11.91
CA LYS A 181 -13.60 1.38 -11.40
C LYS A 181 -14.55 0.20 -11.53
N ILE A 182 -15.27 -0.11 -10.45
CA ILE A 182 -16.29 -1.15 -10.50
C ILE A 182 -17.47 -0.65 -11.31
N VAL A 183 -17.76 -1.31 -12.43
CA VAL A 183 -18.86 -0.90 -13.31
C VAL A 183 -20.06 -1.83 -13.16
N LYS A 184 -19.83 -2.99 -12.56
CA LYS A 184 -20.91 -3.94 -12.32
C LYS A 184 -20.48 -5.03 -11.34
N SER A 185 -21.44 -5.49 -10.55
CA SER A 185 -21.20 -6.61 -9.66
C SER A 185 -22.49 -7.40 -9.52
N VAL A 186 -22.36 -8.67 -9.16
N VAL A 186 -22.36 -8.67 -9.15
CA VAL A 186 -23.53 -9.51 -8.91
CA VAL A 186 -23.51 -9.55 -8.95
C VAL A 186 -23.22 -10.51 -7.82
C VAL A 186 -23.21 -10.52 -7.82
N GLU A 187 -24.20 -10.79 -6.98
CA GLU A 187 -24.04 -11.79 -5.94
C GLU A 187 -24.43 -13.15 -6.49
N MET A 188 -23.52 -14.11 -6.39
CA MET A 188 -23.79 -15.46 -6.85
C MET A 188 -24.85 -16.12 -5.98
N ASN A 189 -25.86 -16.68 -6.62
CA ASN A 189 -26.89 -17.45 -5.93
C ASN A 189 -26.43 -18.89 -5.80
N ALA A 190 -25.66 -19.17 -4.75
CA ALA A 190 -25.01 -20.47 -4.61
C ALA A 190 -25.24 -21.09 -3.24
N PRO A 191 -26.51 -21.38 -2.91
CA PRO A 191 -26.80 -22.06 -1.64
C PRO A 191 -26.09 -23.41 -1.58
N ASN A 192 -25.46 -23.69 -0.43
CA ASN A 192 -24.75 -24.95 -0.21
C ASN A 192 -23.39 -25.00 -0.89
N TYR A 193 -23.02 -23.91 -1.56
CA TYR A 193 -21.70 -23.75 -2.14
C TYR A 193 -20.83 -22.93 -1.19
N HIS A 194 -19.52 -23.06 -1.33
CA HIS A 194 -18.58 -22.20 -0.61
C HIS A 194 -17.43 -21.83 -1.55
N TYR A 195 -17.21 -20.54 -1.74
CA TYR A 195 -16.16 -20.05 -2.63
C TYR A 195 -15.15 -19.18 -1.89
N GLU A 196 -13.88 -19.50 -2.03
CA GLU A 196 -12.81 -18.67 -1.51
C GLU A 196 -11.60 -18.71 -2.43
N GLU A 197 -10.82 -17.64 -2.43
CA GLU A 197 -9.51 -17.62 -3.08
C GLU A 197 -9.53 -18.18 -4.51
N CYS A 198 -10.43 -17.66 -5.33
CA CYS A 198 -10.59 -18.16 -6.70
C CYS A 198 -9.37 -17.92 -7.57
N SER A 199 -9.04 -18.93 -8.38
CA SER A 199 -8.04 -18.79 -9.43
C SER A 199 -8.79 -18.64 -10.75
N CYS A 200 -8.80 -17.42 -11.27
CA CYS A 200 -9.60 -17.10 -12.46
C CYS A 200 -8.71 -16.82 -13.66
N TYR A 201 -9.17 -17.27 -14.82
CA TYR A 201 -8.45 -17.01 -16.06
C TYR A 201 -9.43 -16.78 -17.20
N PRO A 202 -8.99 -16.06 -18.23
CA PRO A 202 -9.79 -15.84 -19.44
C PRO A 202 -9.62 -16.96 -20.46
N ASP A 203 -10.70 -17.24 -21.18
CA ASP A 203 -10.70 -18.29 -22.18
C ASP A 203 -11.86 -18.01 -23.13
N SER A 204 -11.53 -17.59 -24.35
CA SER A 204 -12.53 -17.29 -25.37
C SER A 204 -13.54 -16.23 -24.91
N SER A 205 -13.03 -15.10 -24.41
CA SER A 205 -13.86 -13.95 -24.04
C SER A 205 -14.64 -14.13 -22.74
N GLU A 206 -14.50 -15.28 -22.10
CA GLU A 206 -15.21 -15.55 -20.85
C GLU A 206 -14.26 -15.96 -19.74
N ILE A 207 -14.74 -15.89 -18.51
CA ILE A 207 -13.88 -16.14 -17.35
C ILE A 207 -14.26 -17.43 -16.63
N THR A 208 -13.25 -18.23 -16.31
CA THR A 208 -13.45 -19.45 -15.54
C THR A 208 -12.64 -19.38 -14.26
N CYS A 209 -13.29 -19.63 -13.13
CA CYS A 209 -12.64 -19.59 -11.83
C CYS A 209 -12.74 -20.94 -11.13
N VAL A 210 -11.62 -21.42 -10.60
CA VAL A 210 -11.62 -22.61 -9.76
C VAL A 210 -11.16 -22.20 -8.36
N CYS A 211 -11.95 -22.55 -7.36
CA CYS A 211 -11.79 -21.95 -6.04
C CYS A 211 -11.66 -22.96 -4.91
N ARG A 212 -11.81 -22.46 -3.68
CA ARG A 212 -11.65 -23.26 -2.48
C ARG A 212 -12.93 -23.27 -1.65
N ASP A 213 -13.46 -24.47 -1.41
CA ASP A 213 -14.61 -24.65 -0.52
C ASP A 213 -14.09 -24.99 0.86
N ASN A 214 -14.17 -24.04 1.80
CA ASN A 214 -13.60 -24.25 3.13
C ASN A 214 -14.61 -24.88 4.11
N TRP A 215 -15.83 -25.04 3.63
CA TRP A 215 -16.96 -25.43 4.47
C TRP A 215 -17.19 -26.94 4.47
N HIS A 216 -17.43 -27.53 3.31
CA HIS A 216 -17.77 -28.95 3.26
C HIS A 216 -17.55 -29.60 1.89
N GLY A 217 -16.46 -29.23 1.22
CA GLY A 217 -16.15 -29.84 -0.06
C GLY A 217 -14.67 -30.13 -0.23
N SER A 218 -14.32 -31.39 -0.52
CA SER A 218 -12.93 -31.76 -0.74
C SER A 218 -12.58 -31.72 -2.23
N ASN A 219 -13.59 -31.54 -3.06
CA ASN A 219 -13.38 -31.16 -4.45
C ASN A 219 -13.51 -29.65 -4.56
N ARG A 220 -13.15 -29.08 -5.70
CA ARG A 220 -13.15 -27.63 -5.85
C ARG A 220 -14.38 -27.09 -6.57
N PRO A 221 -14.99 -26.04 -6.02
CA PRO A 221 -16.10 -25.36 -6.68
C PRO A 221 -15.57 -24.52 -7.84
N TRP A 222 -16.41 -24.29 -8.84
CA TRP A 222 -16.03 -23.42 -9.94
C TRP A 222 -17.16 -22.46 -10.28
N VAL A 223 -16.80 -21.32 -10.86
CA VAL A 223 -17.77 -20.39 -11.39
C VAL A 223 -17.23 -19.82 -12.69
N SER A 224 -18.08 -19.77 -13.69
CA SER A 224 -17.69 -19.20 -14.98
C SER A 224 -18.70 -18.14 -15.36
N PHE A 225 -18.26 -17.16 -16.12
CA PHE A 225 -19.14 -16.06 -16.48
C PHE A 225 -18.66 -15.30 -17.73
N ASN A 226 -19.59 -14.65 -18.41
CA ASN A 226 -19.22 -13.78 -19.53
C ASN A 226 -19.00 -12.35 -19.02
N GLN A 227 -18.72 -11.44 -19.95
CA GLN A 227 -18.39 -10.08 -19.56
C GLN A 227 -19.58 -9.38 -18.92
N ASN A 228 -20.78 -9.91 -19.15
CA ASN A 228 -21.96 -9.29 -18.54
C ASN A 228 -22.29 -9.90 -17.18
N LEU A 229 -21.38 -10.75 -16.72
CA LEU A 229 -21.47 -11.39 -15.40
C LEU A 229 -22.63 -12.39 -15.32
N GLU A 230 -23.09 -12.86 -16.47
CA GLU A 230 -24.02 -13.98 -16.49
C GLU A 230 -23.20 -15.24 -16.20
N TYR A 231 -23.50 -15.90 -15.08
CA TYR A 231 -22.63 -16.95 -14.59
C TYR A 231 -23.23 -18.36 -14.56
N GLN A 232 -22.36 -19.35 -14.40
CA GLN A 232 -22.74 -20.73 -14.14
C GLN A 232 -21.86 -21.22 -12.99
N ILE A 233 -22.39 -22.14 -12.18
CA ILE A 233 -21.65 -22.66 -11.04
C ILE A 233 -21.69 -24.18 -10.98
N GLY A 234 -20.74 -24.76 -10.27
CA GLY A 234 -20.67 -26.20 -10.08
C GLY A 234 -19.43 -26.60 -9.31
N TYR A 235 -19.19 -27.90 -9.23
CA TYR A 235 -17.97 -28.43 -8.62
C TYR A 235 -17.29 -29.36 -9.61
N ILE A 236 -15.97 -29.45 -9.54
CA ILE A 236 -15.23 -30.39 -10.37
C ILE A 236 -15.64 -31.81 -9.97
N CYS A 237 -16.12 -32.58 -10.95
CA CYS A 237 -16.73 -33.88 -10.70
C CYS A 237 -15.72 -35.00 -10.42
N SER A 238 -14.50 -34.83 -10.94
CA SER A 238 -13.49 -35.89 -10.86
C SER A 238 -13.31 -36.50 -9.48
N GLY A 239 -13.10 -37.81 -9.46
CA GLY A 239 -12.80 -38.52 -8.23
C GLY A 239 -11.37 -38.27 -7.78
N ILE A 240 -10.61 -37.59 -8.65
CA ILE A 240 -9.28 -37.10 -8.30
C ILE A 240 -9.46 -35.79 -7.55
N PHE A 241 -9.72 -35.88 -6.25
CA PHE A 241 -10.08 -34.71 -5.46
C PHE A 241 -8.95 -33.68 -5.42
N GLY A 242 -9.32 -32.40 -5.55
CA GLY A 242 -8.33 -31.35 -5.75
C GLY A 242 -7.94 -30.55 -4.52
N ASP A 243 -8.75 -30.62 -3.46
CA ASP A 243 -8.49 -29.80 -2.28
C ASP A 243 -7.53 -30.48 -1.31
N ASN A 244 -7.19 -29.77 -0.24
CA ASN A 244 -6.39 -30.31 0.84
C ASN A 244 -6.85 -29.67 2.14
N PRO A 245 -7.33 -30.49 3.10
CA PRO A 245 -7.32 -31.95 3.05
C PRO A 245 -8.38 -32.54 2.11
N ARG A 246 -8.36 -33.86 1.98
CA ARG A 246 -9.27 -34.57 1.10
C ARG A 246 -9.22 -36.06 1.44
N PRO A 247 -10.18 -36.84 0.92
CA PRO A 247 -10.13 -38.29 1.08
C PRO A 247 -9.17 -38.89 0.06
N ASN A 248 -8.88 -40.18 0.18
CA ASN A 248 -8.21 -40.90 -0.89
C ASN A 248 -9.08 -40.86 -2.13
N ASP A 249 -8.46 -40.92 -3.30
CA ASP A 249 -9.20 -40.87 -4.55
C ASP A 249 -10.24 -41.99 -4.62
N LYS A 250 -11.45 -41.63 -5.06
CA LYS A 250 -12.52 -42.60 -5.26
C LYS A 250 -13.61 -41.96 -6.11
N THR A 251 -14.80 -42.53 -6.11
CA THR A 251 -15.88 -41.94 -6.90
C THR A 251 -16.20 -40.53 -6.39
N GLY A 252 -16.18 -39.57 -7.31
CA GLY A 252 -16.38 -38.18 -6.93
C GLY A 252 -17.82 -37.72 -7.01
N SER A 253 -18.01 -36.40 -6.97
CA SER A 253 -19.34 -35.82 -7.06
C SER A 253 -19.30 -34.49 -7.80
N CYS A 254 -20.38 -34.16 -8.49
CA CYS A 254 -20.49 -32.88 -9.17
C CYS A 254 -21.02 -31.82 -8.21
N GLY A 255 -21.27 -32.23 -6.98
CA GLY A 255 -21.56 -31.31 -5.89
C GLY A 255 -20.43 -31.38 -4.89
N PRO A 256 -20.54 -30.63 -3.77
CA PRO A 256 -19.47 -30.63 -2.77
C PRO A 256 -19.29 -32.00 -2.12
N VAL A 257 -18.06 -32.50 -2.11
CA VAL A 257 -17.74 -33.77 -1.46
C VAL A 257 -17.50 -33.55 0.04
N SER A 258 -18.42 -34.05 0.86
CA SER A 258 -18.40 -33.76 2.30
C SER A 258 -17.22 -34.38 3.05
N SER A 259 -16.79 -35.56 2.62
CA SER A 259 -15.69 -36.25 3.29
C SER A 259 -14.42 -35.38 3.30
N ASN A 260 -13.91 -35.12 4.50
CA ASN A 260 -12.72 -34.28 4.66
C ASN A 260 -12.91 -32.92 4.00
N GLY A 261 -14.17 -32.48 3.96
CA GLY A 261 -14.53 -31.28 3.23
C GLY A 261 -14.21 -29.98 3.94
N ALA A 262 -14.18 -30.00 5.26
CA ALA A 262 -13.86 -28.80 6.04
C ALA A 262 -12.42 -28.36 5.79
N ASN A 263 -12.16 -27.06 5.96
CA ASN A 263 -10.84 -26.48 5.74
C ASN A 263 -10.44 -26.60 4.27
N GLY A 264 -9.18 -26.36 3.94
CA GLY A 264 -8.76 -26.43 2.56
C GLY A 264 -7.48 -25.66 2.25
N VAL A 265 -7.25 -25.45 0.96
CA VAL A 265 -6.09 -24.70 0.51
C VAL A 265 -6.43 -24.05 -0.83
N LYS A 266 -5.88 -22.86 -1.08
CA LYS A 266 -6.09 -22.25 -2.38
C LYS A 266 -5.46 -23.12 -3.47
N GLY A 267 -6.19 -23.27 -4.57
CA GLY A 267 -5.71 -24.05 -5.69
C GLY A 267 -6.25 -23.56 -7.02
N PHE A 268 -6.07 -24.37 -8.06
CA PHE A 268 -6.50 -24.01 -9.39
C PHE A 268 -6.73 -25.27 -10.22
N SER A 269 -7.33 -25.09 -11.39
CA SER A 269 -7.45 -26.13 -12.38
C SER A 269 -7.75 -25.47 -13.72
N PHE A 270 -7.36 -26.12 -14.81
CA PHE A 270 -7.65 -25.61 -16.14
C PHE A 270 -8.64 -26.53 -16.86
N LYS A 271 -9.77 -25.98 -17.28
CA LYS A 271 -10.79 -26.74 -17.99
C LYS A 271 -10.50 -26.80 -19.48
N TYR A 272 -10.61 -27.99 -20.05
CA TYR A 272 -10.58 -28.18 -21.48
C TYR A 272 -11.71 -29.13 -21.87
N GLY A 273 -12.85 -28.56 -22.26
CA GLY A 273 -14.03 -29.36 -22.55
C GLY A 273 -14.45 -30.13 -21.30
N ASN A 274 -14.61 -31.44 -21.44
CA ASN A 274 -14.94 -32.29 -20.31
C ASN A 274 -13.71 -32.62 -19.48
N GLY A 275 -12.54 -32.27 -19.99
CA GLY A 275 -11.28 -32.60 -19.34
C GLY A 275 -10.79 -31.50 -18.41
N VAL A 276 -9.79 -31.83 -17.62
CA VAL A 276 -9.26 -30.85 -16.65
C VAL A 276 -7.81 -31.14 -16.28
N TRP A 277 -6.99 -30.10 -16.27
CA TRP A 277 -5.66 -30.18 -15.69
C TRP A 277 -5.78 -29.81 -14.22
N ILE A 278 -5.50 -30.78 -13.34
CA ILE A 278 -5.63 -30.56 -11.90
C ILE A 278 -4.26 -30.44 -11.23
N GLY A 279 -4.05 -29.31 -10.56
CA GLY A 279 -2.88 -29.16 -9.70
C GLY A 279 -3.29 -29.40 -8.27
N ARG A 280 -2.53 -30.23 -7.55
CA ARG A 280 -2.87 -30.53 -6.16
C ARG A 280 -1.68 -31.01 -5.35
N THR A 281 -1.81 -30.94 -4.02
CA THR A 281 -0.82 -31.49 -3.13
C THR A 281 -0.74 -33.00 -3.35
N LYS A 282 0.35 -33.62 -2.92
CA LYS A 282 0.47 -35.07 -2.98
C LYS A 282 -0.14 -35.72 -1.74
N SER A 283 0.00 -35.05 -0.61
CA SER A 283 -0.60 -35.53 0.63
C SER A 283 -2.09 -35.21 0.70
N ILE A 284 -2.88 -36.11 1.27
CA ILE A 284 -4.31 -35.88 1.38
C ILE A 284 -4.64 -35.14 2.68
N SER A 285 -3.66 -35.00 3.56
CA SER A 285 -3.91 -34.49 4.91
C SER A 285 -3.12 -33.23 5.27
N SER A 286 -2.06 -32.96 4.52
CA SER A 286 -1.20 -31.82 4.81
CA SER A 286 -1.22 -31.79 4.82
C SER A 286 -0.71 -31.13 3.54
N ARG A 287 -0.21 -29.92 3.68
CA ARG A 287 0.28 -29.15 2.54
C ARG A 287 1.68 -29.61 2.13
N ASN A 288 1.77 -30.83 1.65
CA ASN A 288 3.04 -31.43 1.20
C ASN A 288 2.96 -31.97 -0.21
N GLY A 289 4.02 -31.74 -0.98
CA GLY A 289 4.10 -32.24 -2.33
C GLY A 289 3.20 -31.49 -3.28
N PHE A 290 3.43 -31.67 -4.57
CA PHE A 290 2.56 -31.08 -5.58
C PHE A 290 2.69 -31.87 -6.88
N GLU A 291 1.58 -31.97 -7.60
CA GLU A 291 1.55 -32.73 -8.85
C GLU A 291 0.53 -32.16 -9.80
N MET A 292 0.77 -32.33 -11.09
CA MET A 292 -0.20 -31.96 -12.12
C MET A 292 -0.79 -33.23 -12.72
N ILE A 293 -2.12 -33.27 -12.80
CA ILE A 293 -2.82 -34.43 -13.33
C ILE A 293 -3.73 -34.02 -14.48
N TRP A 294 -3.62 -34.73 -15.60
CA TRP A 294 -4.54 -34.54 -16.71
C TRP A 294 -5.60 -35.60 -16.66
N ASP A 295 -6.84 -35.17 -16.47
CA ASP A 295 -7.97 -36.10 -16.43
C ASP A 295 -8.94 -35.71 -17.54
N PRO A 296 -8.96 -36.47 -18.65
CA PRO A 296 -9.67 -36.17 -19.90
C PRO A 296 -11.18 -35.97 -19.75
N ASN A 297 -11.78 -36.53 -18.70
CA ASN A 297 -13.20 -36.31 -18.46
C ASN A 297 -13.47 -35.85 -17.02
N GLY A 298 -12.44 -35.32 -16.36
CA GLY A 298 -12.53 -34.98 -14.95
C GLY A 298 -13.40 -33.79 -14.58
N TRP A 299 -13.71 -32.93 -15.54
CA TRP A 299 -14.54 -31.78 -15.24
C TRP A 299 -15.98 -32.22 -14.98
N THR A 300 -16.46 -33.17 -15.76
CA THR A 300 -17.86 -33.58 -15.71
C THR A 300 -18.05 -35.03 -15.29
N GLY A 301 -16.96 -35.79 -15.22
CA GLY A 301 -17.01 -37.19 -14.88
C GLY A 301 -16.55 -37.47 -13.46
N THR A 302 -17.14 -38.48 -12.83
CA THR A 302 -16.91 -38.72 -11.40
C THR A 302 -15.91 -39.84 -11.08
N ASP A 303 -15.43 -40.55 -12.08
CA ASP A 303 -14.50 -41.64 -11.83
C ASP A 303 -13.15 -41.12 -11.36
N ASN A 304 -12.30 -42.01 -10.88
CA ASN A 304 -10.99 -41.62 -10.37
C ASN A 304 -9.84 -42.05 -11.27
N ASN A 305 -10.14 -42.24 -12.55
CA ASN A 305 -9.09 -42.57 -13.52
C ASN A 305 -8.50 -41.29 -14.12
N PHE A 306 -7.24 -41.35 -14.53
CA PHE A 306 -6.59 -40.20 -15.17
C PHE A 306 -5.53 -40.69 -16.14
N SER A 307 -5.08 -39.79 -17.02
CA SER A 307 -4.17 -40.18 -18.09
C SER A 307 -2.72 -39.76 -17.85
N ILE A 308 -2.53 -38.57 -17.30
CA ILE A 308 -1.19 -38.04 -17.11
C ILE A 308 -0.99 -37.54 -15.70
N LYS A 309 0.18 -37.83 -15.16
CA LYS A 309 0.57 -37.23 -13.91
C LYS A 309 2.02 -36.78 -13.96
N GLN A 310 2.26 -35.53 -13.57
CA GLN A 310 3.61 -34.99 -13.56
C GLN A 310 3.98 -34.48 -12.18
N ASP A 311 5.08 -34.99 -11.62
CA ASP A 311 5.54 -34.55 -10.31
C ASP A 311 6.10 -33.14 -10.35
N ILE A 312 5.84 -32.37 -9.29
CA ILE A 312 6.29 -30.99 -9.19
C ILE A 312 7.07 -30.76 -7.90
N VAL A 313 6.53 -31.27 -6.80
CA VAL A 313 7.20 -31.23 -5.52
C VAL A 313 7.01 -32.58 -4.82
N GLY A 314 8.09 -33.14 -4.28
CA GLY A 314 8.04 -34.42 -3.62
C GLY A 314 7.11 -34.44 -2.42
N ILE A 315 6.52 -35.59 -2.13
CA ILE A 315 5.55 -35.70 -1.05
C ILE A 315 6.15 -35.41 0.32
N ASN A 316 7.47 -35.59 0.45
CA ASN A 316 8.14 -35.31 1.72
C ASN A 316 8.62 -33.85 1.82
N GLU A 317 8.18 -33.01 0.89
CA GLU A 317 8.56 -31.60 0.87
C GLU A 317 7.33 -30.71 1.04
N TRP A 318 7.52 -29.55 1.64
CA TRP A 318 6.40 -28.64 1.88
C TRP A 318 5.93 -27.96 0.60
N SER A 319 4.61 -27.83 0.46
CA SER A 319 4.05 -27.01 -0.60
C SER A 319 3.17 -25.95 0.05
N GLY A 320 1.99 -25.73 -0.52
CA GLY A 320 1.09 -24.72 0.00
C GLY A 320 0.09 -24.25 -1.04
N TYR A 321 -0.14 -22.95 -1.10
CA TYR A 321 -1.04 -22.37 -2.08
C TYR A 321 -0.55 -22.61 -3.49
N SER A 322 -1.48 -22.61 -4.44
CA SER A 322 -1.15 -22.65 -5.85
C SER A 322 -2.20 -21.87 -6.61
N GLY A 323 -1.83 -21.35 -7.77
CA GLY A 323 -2.76 -20.56 -8.54
C GLY A 323 -2.38 -20.50 -10.01
N SER A 324 -3.37 -20.23 -10.84
CA SER A 324 -3.15 -20.08 -12.26
C SER A 324 -2.63 -18.69 -12.59
N PHE A 325 -1.90 -18.58 -13.69
CA PHE A 325 -1.69 -17.30 -14.34
C PHE A 325 -1.53 -17.56 -15.82
N VAL A 326 -1.98 -16.61 -16.64
CA VAL A 326 -1.94 -16.80 -18.09
C VAL A 326 -0.98 -15.85 -18.76
N GLN A 327 -0.55 -16.22 -19.96
CA GLN A 327 0.21 -15.32 -20.80
C GLN A 327 -0.57 -15.13 -22.09
N HIS A 328 -0.91 -13.88 -22.36
CA HIS A 328 -1.74 -13.53 -23.51
C HIS A 328 -0.90 -13.49 -24.78
N PRO A 329 -1.55 -13.67 -25.94
CA PRO A 329 -0.89 -13.56 -27.24
C PRO A 329 -0.16 -12.23 -27.41
N GLU A 330 -0.67 -11.17 -26.78
CA GLU A 330 -0.02 -9.87 -26.84
C GLU A 330 1.39 -9.92 -26.25
N LEU A 331 1.63 -10.91 -25.40
CA LEU A 331 2.94 -11.07 -24.76
C LEU A 331 3.77 -12.13 -25.47
N THR A 332 3.13 -13.22 -25.87
CA THR A 332 3.84 -14.40 -26.37
C THR A 332 3.99 -14.43 -27.89
N GLY A 333 3.02 -13.86 -28.60
CA GLY A 333 2.99 -13.94 -30.05
C GLY A 333 2.31 -15.20 -30.54
N LEU A 334 1.72 -15.94 -29.61
CA LEU A 334 1.00 -17.17 -29.94
C LEU A 334 -0.43 -16.83 -30.35
N ASP A 335 -1.17 -17.83 -30.84
CA ASP A 335 -2.54 -17.58 -31.24
C ASP A 335 -3.52 -18.15 -30.23
N CYS A 336 -3.06 -18.28 -28.99
CA CYS A 336 -3.89 -18.76 -27.91
C CYS A 336 -3.39 -18.22 -26.58
N ILE A 337 -4.22 -18.35 -25.56
CA ILE A 337 -3.87 -17.93 -24.21
C ILE A 337 -3.16 -19.07 -23.50
N ARG A 338 -1.87 -18.86 -23.18
CA ARG A 338 -1.07 -19.90 -22.56
C ARG A 338 -1.28 -20.01 -21.06
N PRO A 339 -1.53 -21.22 -20.57
CA PRO A 339 -1.72 -21.41 -19.14
C PRO A 339 -0.40 -21.68 -18.44
N CYS A 340 -0.21 -21.02 -17.30
CA CYS A 340 0.93 -21.27 -16.43
C CYS A 340 0.38 -21.41 -15.02
N PHE A 341 1.22 -21.82 -14.08
CA PHE A 341 0.80 -21.87 -12.68
C PHE A 341 1.98 -21.70 -11.73
N TRP A 342 1.68 -21.23 -10.52
CA TRP A 342 2.71 -21.08 -9.49
C TRP A 342 2.34 -21.91 -8.27
N VAL A 343 3.35 -22.24 -7.48
CA VAL A 343 3.16 -22.95 -6.22
C VAL A 343 3.89 -22.22 -5.10
N GLU A 344 3.18 -21.98 -4.01
CA GLU A 344 3.78 -21.41 -2.81
C GLU A 344 4.36 -22.54 -1.97
N LEU A 345 5.62 -22.40 -1.58
CA LEU A 345 6.26 -23.39 -0.71
C LEU A 345 6.38 -22.80 0.69
N ILE A 346 5.47 -23.21 1.58
CA ILE A 346 5.37 -22.63 2.91
C ILE A 346 6.33 -23.28 3.91
N ARG A 347 7.09 -22.45 4.62
CA ARG A 347 7.99 -22.92 5.66
C ARG A 347 7.65 -22.26 6.99
N GLY A 348 7.95 -22.95 8.09
CA GLY A 348 7.72 -22.41 9.41
C GLY A 348 6.47 -22.95 10.08
N ARG A 349 5.82 -22.12 10.89
CA ARG A 349 4.63 -22.53 11.62
C ARG A 349 3.46 -22.81 10.66
N PRO A 350 2.56 -23.72 11.05
CA PRO A 350 2.56 -24.41 12.34
C PRO A 350 3.32 -25.74 12.36
N LYS A 351 3.71 -26.26 11.20
CA LYS A 351 4.29 -27.59 11.11
C LYS A 351 5.75 -27.66 11.56
N GLU A 352 6.45 -26.52 11.50
CA GLU A 352 7.85 -26.49 11.87
C GLU A 352 8.09 -25.61 13.10
N ASN A 353 9.12 -25.93 13.88
CA ASN A 353 9.36 -25.25 15.14
C ASN A 353 10.13 -23.95 15.00
N THR A 354 9.47 -22.95 14.41
CA THR A 354 10.04 -21.63 14.24
C THR A 354 9.11 -20.60 14.86
N ILE A 355 9.55 -19.35 14.93
CA ILE A 355 8.68 -18.29 15.43
C ILE A 355 7.91 -17.69 14.27
N TRP A 356 8.29 -18.05 13.05
CA TRP A 356 7.80 -17.37 11.85
C TRP A 356 7.17 -18.32 10.84
N THR A 357 6.47 -17.72 9.87
CA THR A 357 5.92 -18.45 8.74
C THR A 357 6.18 -17.63 7.48
N SER A 358 6.74 -18.26 6.46
CA SER A 358 7.01 -17.58 5.20
C SER A 358 7.05 -18.59 4.07
N GLY A 359 7.06 -18.10 2.83
CA GLY A 359 7.08 -18.99 1.69
C GLY A 359 7.99 -18.54 0.57
N SER A 360 8.43 -19.50 -0.23
CA SER A 360 9.11 -19.21 -1.49
C SER A 360 8.17 -19.66 -2.60
N SER A 361 8.61 -19.57 -3.84
CA SER A 361 7.74 -19.94 -4.94
C SER A 361 8.45 -20.60 -6.12
N ILE A 362 7.68 -21.39 -6.86
CA ILE A 362 8.11 -21.92 -8.14
C ILE A 362 6.96 -21.71 -9.13
N SER A 363 7.27 -21.66 -10.41
CA SER A 363 6.23 -21.54 -11.43
C SER A 363 6.56 -22.36 -12.67
N PHE A 364 5.52 -22.72 -13.42
CA PHE A 364 5.64 -23.55 -14.61
C PHE A 364 4.72 -23.00 -15.68
N CYS A 365 5.08 -23.20 -16.94
CA CYS A 365 4.19 -22.85 -18.05
C CYS A 365 3.89 -24.06 -18.94
N GLY A 366 2.68 -24.12 -19.46
CA GLY A 366 2.25 -25.24 -20.27
C GLY A 366 2.86 -25.24 -21.66
N VAL A 367 3.31 -26.40 -22.10
CA VAL A 367 3.89 -26.56 -23.43
C VAL A 367 3.42 -27.87 -24.06
N ASN A 368 3.70 -28.04 -25.35
CA ASN A 368 3.40 -29.29 -26.04
C ASN A 368 4.67 -30.03 -26.47
N SER A 369 5.82 -29.49 -26.07
CA SER A 369 7.09 -30.15 -26.27
C SER A 369 7.39 -31.00 -25.03
N ASP A 370 8.54 -31.68 -25.05
CA ASP A 370 8.86 -32.62 -23.97
C ASP A 370 9.08 -31.95 -22.61
N THR A 371 8.59 -32.60 -21.57
CA THR A 371 8.78 -32.13 -20.20
C THR A 371 9.17 -33.28 -19.29
N VAL A 372 9.43 -32.97 -18.02
CA VAL A 372 9.82 -34.00 -17.06
C VAL A 372 9.32 -33.68 -15.66
N GLY A 373 8.93 -34.71 -14.92
CA GLY A 373 8.55 -34.54 -13.53
C GLY A 373 9.79 -34.55 -12.65
N TRP A 374 9.72 -33.85 -11.53
CA TRP A 374 10.82 -33.81 -10.58
C TRP A 374 10.32 -33.22 -9.28
N SER A 375 11.24 -32.80 -8.42
CA SER A 375 10.89 -32.08 -7.22
C SER A 375 11.74 -30.82 -7.09
N TRP A 376 11.09 -29.67 -7.08
CA TRP A 376 11.77 -28.40 -6.89
C TRP A 376 11.28 -27.76 -5.59
N PRO A 377 11.75 -28.26 -4.43
CA PRO A 377 11.26 -27.85 -3.12
C PRO A 377 11.87 -26.53 -2.67
N ASP A 378 11.42 -26.03 -1.53
CA ASP A 378 11.95 -24.79 -0.97
C ASP A 378 13.45 -24.89 -0.69
N GLY A 379 13.83 -25.91 0.06
CA GLY A 379 15.24 -26.21 0.27
C GLY A 379 15.92 -25.50 1.42
N ALA A 380 15.18 -24.71 2.19
CA ALA A 380 15.77 -24.04 3.34
C ALA A 380 15.95 -25.01 4.50
N GLU A 381 16.98 -24.76 5.31
CA GLU A 381 17.24 -25.58 6.49
C GLU A 381 16.75 -24.84 7.73
N LEU A 382 15.69 -25.36 8.36
CA LEU A 382 15.14 -24.76 9.56
C LEU A 382 15.54 -25.57 10.79
N PRO A 383 15.53 -24.92 11.98
CA PRO A 383 15.16 -23.52 12.18
C PRO A 383 16.27 -22.55 11.78
N PHE A 384 15.97 -21.26 11.84
CA PHE A 384 16.95 -20.23 11.55
C PHE A 384 17.57 -19.70 12.84
N THR A 385 18.54 -18.81 12.69
CA THR A 385 19.24 -18.24 13.83
C THR A 385 18.28 -17.57 14.81
N ILE A 386 17.24 -16.95 14.26
CA ILE A 386 16.28 -16.20 15.05
C ILE A 386 15.36 -17.08 15.90
N ASP A 387 15.28 -18.36 15.56
CA ASP A 387 14.34 -19.25 16.25
C ASP A 387 14.86 -19.79 17.57
N SER B 1 4.89 16.58 -22.16
CA SER B 1 5.39 17.10 -20.90
C SER B 1 4.92 18.53 -20.65
N VAL B 2 4.01 18.71 -19.69
CA VAL B 2 3.26 19.96 -19.56
C VAL B 2 3.11 20.45 -18.10
N LYS B 3 3.12 21.76 -17.90
CA LYS B 3 2.94 22.32 -16.57
C LYS B 3 1.60 21.93 -15.95
N LEU B 4 1.59 21.66 -14.65
CA LEU B 4 0.34 21.43 -13.94
C LEU B 4 -0.50 22.70 -13.96
N ALA B 5 -1.77 22.58 -14.31
CA ALA B 5 -2.66 23.73 -14.38
C ALA B 5 -2.98 24.27 -12.99
N GLY B 6 -3.44 23.39 -12.11
CA GLY B 6 -3.76 23.76 -10.75
C GLY B 6 -4.92 24.73 -10.65
N ASN B 7 -5.81 24.71 -11.64
CA ASN B 7 -6.92 25.67 -11.68
C ASN B 7 -8.28 25.07 -11.35
N SER B 8 -8.33 23.75 -11.16
CA SER B 8 -9.56 23.10 -10.75
C SER B 8 -9.68 23.14 -9.23
N SER B 9 -10.87 22.86 -8.72
CA SER B 9 -11.11 22.93 -7.29
C SER B 9 -10.70 21.63 -6.58
N LEU B 10 -10.53 21.72 -5.27
CA LEU B 10 -10.22 20.55 -4.45
C LEU B 10 -11.40 19.58 -4.48
N CYS B 11 -11.11 18.30 -4.65
CA CYS B 11 -12.16 17.28 -4.66
C CYS B 11 -12.77 17.15 -3.27
N PRO B 12 -14.09 17.39 -3.16
CA PRO B 12 -14.79 17.06 -1.92
C PRO B 12 -14.68 15.56 -1.65
N VAL B 13 -14.50 15.17 -0.39
CA VAL B 13 -14.34 13.76 -0.04
C VAL B 13 -15.12 13.39 1.22
N SER B 14 -15.57 12.15 1.30
CA SER B 14 -16.38 11.72 2.44
C SER B 14 -15.58 10.86 3.41
N GLY B 15 -14.42 10.39 2.96
CA GLY B 15 -13.60 9.51 3.76
C GLY B 15 -12.23 9.30 3.16
N TRP B 16 -11.40 8.56 3.89
CA TRP B 16 -10.00 8.38 3.50
C TRP B 16 -9.62 6.91 3.36
N ALA B 17 -9.19 6.55 2.16
CA ALA B 17 -8.76 5.18 1.88
C ALA B 17 -7.26 5.08 2.01
N ILE B 18 -6.77 4.02 2.65
CA ILE B 18 -5.34 3.87 2.87
C ILE B 18 -4.59 3.70 1.56
N TYR B 19 -3.47 4.40 1.44
CA TYR B 19 -2.73 4.51 0.20
C TYR B 19 -1.36 3.83 0.29
N SER B 20 -0.65 4.05 1.39
CA SER B 20 0.65 3.43 1.57
C SER B 20 1.02 3.19 3.04
N LYS B 21 1.95 2.27 3.24
CA LYS B 21 2.57 2.03 4.54
C LYS B 21 3.93 1.38 4.29
N ASP B 22 4.98 1.95 4.84
CA ASP B 22 6.33 1.48 4.50
C ASP B 22 6.98 0.54 5.53
N ASN B 23 6.46 0.52 6.76
CA ASN B 23 7.00 -0.36 7.80
C ASN B 23 8.50 -0.18 8.00
N SER B 24 8.98 1.05 7.84
CA SER B 24 10.41 1.33 7.81
C SER B 24 11.16 0.86 9.05
N VAL B 25 10.60 1.12 10.23
CA VAL B 25 11.30 0.80 11.47
C VAL B 25 11.33 -0.71 11.72
N ARG B 26 10.20 -1.38 11.48
CA ARG B 26 10.14 -2.83 11.58
C ARG B 26 11.20 -3.48 10.69
N ILE B 27 11.28 -3.02 9.44
CA ILE B 27 12.23 -3.54 8.46
C ILE B 27 13.67 -3.20 8.84
N GLY B 28 13.87 -1.98 9.33
CA GLY B 28 15.20 -1.51 9.68
C GLY B 28 15.86 -2.26 10.81
N SER B 29 15.07 -3.07 11.52
CA SER B 29 15.61 -3.90 12.59
C SER B 29 16.70 -4.82 12.04
N LYS B 30 16.56 -5.23 10.79
CA LYS B 30 17.56 -6.06 10.14
C LYS B 30 18.11 -5.41 8.87
N GLY B 31 17.20 -4.88 8.05
CA GLY B 31 17.57 -4.32 6.77
C GLY B 31 18.32 -3.01 6.90
N ASP B 32 18.87 -2.54 5.79
CA ASP B 32 19.61 -1.29 5.78
C ASP B 32 18.69 -0.13 5.45
N VAL B 33 18.10 0.43 6.50
CA VAL B 33 17.11 1.49 6.36
C VAL B 33 17.62 2.75 7.06
N PHE B 34 17.51 3.89 6.38
CA PHE B 34 17.97 5.15 6.97
C PHE B 34 17.23 5.47 8.26
N VAL B 35 17.96 6.03 9.22
CA VAL B 35 17.30 6.74 10.31
C VAL B 35 16.78 8.03 9.70
N ILE B 36 15.48 8.29 9.86
CA ILE B 36 14.89 9.47 9.27
C ILE B 36 13.89 10.13 10.20
N ARG B 37 13.53 11.36 9.86
CA ARG B 37 12.36 12.02 10.42
C ARG B 37 11.89 13.06 9.42
N GLU B 38 10.76 13.69 9.70
CA GLU B 38 10.18 14.69 8.81
C GLU B 38 10.01 14.16 7.38
N PRO B 39 9.32 13.02 7.24
CA PRO B 39 9.05 12.53 5.89
C PRO B 39 7.88 13.29 5.29
N PHE B 40 7.77 13.29 3.96
CA PHE B 40 6.58 13.79 3.31
C PHE B 40 6.45 13.20 1.91
N ILE B 41 5.24 13.26 1.37
CA ILE B 41 5.04 12.71 0.03
CA ILE B 41 4.97 12.70 0.05
C ILE B 41 4.67 13.83 -0.95
N SER B 42 5.12 13.64 -2.19
CA SER B 42 4.85 14.59 -3.26
C SER B 42 4.81 13.84 -4.57
N CYS B 43 3.97 14.27 -5.50
CA CYS B 43 3.77 13.54 -6.75
C CYS B 43 4.13 14.36 -7.99
N SER B 44 4.48 13.66 -9.06
CA SER B 44 4.64 14.27 -10.37
C SER B 44 3.43 13.85 -11.19
N PRO B 45 3.42 14.19 -12.49
CA PRO B 45 2.34 13.68 -13.34
C PRO B 45 2.44 12.17 -13.53
N LEU B 46 3.56 11.59 -13.10
CA LEU B 46 3.82 10.17 -13.37
C LEU B 46 3.88 9.30 -12.10
N GLU B 47 4.43 9.84 -11.02
CA GLU B 47 4.62 9.03 -9.82
C GLU B 47 4.55 9.84 -8.53
N CYS B 48 4.40 9.12 -7.42
CA CYS B 48 4.43 9.73 -6.10
C CYS B 48 5.65 9.23 -5.33
N ARG B 49 6.33 10.14 -4.65
CA ARG B 49 7.57 9.81 -3.96
C ARG B 49 7.52 10.22 -2.49
N THR B 50 8.22 9.47 -1.65
CA THR B 50 8.39 9.85 -0.26
C THR B 50 9.71 10.60 -0.11
N PHE B 51 9.64 11.83 0.34
CA PHE B 51 10.83 12.59 0.67
C PHE B 51 11.07 12.47 2.17
N PHE B 52 12.30 12.65 2.61
CA PHE B 52 12.63 12.50 4.02
C PHE B 52 13.99 13.07 4.37
N LEU B 53 14.16 13.44 5.63
CA LEU B 53 15.44 13.92 6.12
C LEU B 53 16.18 12.79 6.85
N THR B 54 17.22 12.27 6.22
CA THR B 54 18.03 11.23 6.87
C THR B 54 18.85 11.86 7.99
N GLN B 55 19.41 11.00 8.83
CA GLN B 55 20.36 11.43 9.84
C GLN B 55 21.76 10.93 9.46
N GLY B 56 21.93 10.63 8.18
CA GLY B 56 23.20 10.14 7.67
C GLY B 56 23.65 8.87 8.38
N ALA B 57 22.68 8.05 8.77
CA ALA B 57 22.97 6.81 9.48
C ALA B 57 21.86 5.79 9.24
N LEU B 58 22.14 4.53 9.58
CA LEU B 58 21.15 3.48 9.44
C LEU B 58 20.62 3.01 10.79
N LEU B 59 19.41 2.49 10.79
CA LEU B 59 18.81 1.92 12.00
C LEU B 59 19.64 0.75 12.52
N ASN B 60 19.66 0.61 13.84
CA ASN B 60 20.38 -0.46 14.52
C ASN B 60 21.89 -0.41 14.31
N ASP B 61 22.40 0.78 14.02
CA ASP B 61 23.83 1.02 13.96
C ASP B 61 24.20 2.11 14.97
N LYS B 62 25.45 2.09 15.42
CA LYS B 62 25.87 3.03 16.46
C LYS B 62 25.75 4.49 16.03
N HIS B 63 25.80 4.75 14.73
CA HIS B 63 25.71 6.12 14.25
C HIS B 63 24.30 6.71 14.36
N SER B 64 23.33 5.88 14.76
CA SER B 64 21.98 6.35 15.01
C SER B 64 21.90 7.00 16.41
N ASN B 65 22.99 6.90 17.14
CA ASN B 65 23.07 7.49 18.47
C ASN B 65 22.80 8.98 18.44
N GLY B 66 21.97 9.46 19.34
CA GLY B 66 21.72 10.89 19.49
C GLY B 66 20.86 11.52 18.42
N THR B 67 20.18 10.70 17.62
CA THR B 67 19.40 11.22 16.49
C THR B 67 18.10 11.94 16.88
N ILE B 68 17.88 12.13 18.18
CA ILE B 68 16.81 13.02 18.61
C ILE B 68 17.14 14.45 18.16
N LYS B 69 18.44 14.69 17.96
CA LYS B 69 18.92 16.02 17.56
C LYS B 69 18.35 16.43 16.22
N ASP B 70 17.89 17.67 16.12
CA ASP B 70 17.18 18.15 14.95
C ASP B 70 18.07 18.52 13.76
N ARG B 71 19.22 19.13 14.04
CA ARG B 71 20.04 19.70 12.98
C ARG B 71 21.50 19.28 13.09
N SER B 72 22.09 18.93 11.95
CA SER B 72 23.49 18.54 11.88
C SER B 72 23.96 18.63 10.43
N PRO B 73 25.29 18.58 10.22
CA PRO B 73 25.84 18.62 8.87
C PRO B 73 25.61 17.31 8.12
N TYR B 74 25.10 16.30 8.82
CA TYR B 74 24.96 14.97 8.23
C TYR B 74 23.59 14.71 7.62
N ARG B 75 22.60 15.52 8.01
CA ARG B 75 21.24 15.31 7.53
C ARG B 75 21.12 15.65 6.05
N THR B 76 20.45 14.77 5.31
CA THR B 76 20.27 14.97 3.87
C THR B 76 18.83 14.70 3.47
N LEU B 77 18.35 15.48 2.51
CA LEU B 77 17.04 15.23 1.92
C LEU B 77 17.21 14.20 0.81
N MET B 78 16.46 13.11 0.91
CA MET B 78 16.47 12.08 -0.10
C MET B 78 15.03 11.65 -0.38
N SER B 79 14.84 10.82 -1.39
CA SER B 79 13.50 10.36 -1.74
C SER B 79 13.49 8.96 -2.32
N CYS B 80 12.37 8.29 -2.19
CA CYS B 80 12.19 6.97 -2.79
C CYS B 80 10.74 6.82 -3.20
N PRO B 81 10.43 5.81 -4.03
CA PRO B 81 9.02 5.59 -4.40
C PRO B 81 8.16 5.40 -3.16
N ILE B 82 6.92 5.86 -3.22
CA ILE B 82 6.03 5.79 -2.07
C ILE B 82 5.81 4.34 -1.63
N GLY B 83 5.80 4.13 -0.32
CA GLY B 83 5.55 2.80 0.23
C GLY B 83 6.79 1.95 0.43
N GLU B 84 7.90 2.35 -0.19
CA GLU B 84 9.16 1.62 -0.02
C GLU B 84 9.92 2.17 1.19
N VAL B 85 10.72 1.33 1.82
CA VAL B 85 11.55 1.78 2.93
C VAL B 85 12.67 2.67 2.40
N PRO B 86 13.01 3.73 3.14
CA PRO B 86 14.11 4.61 2.75
C PRO B 86 15.45 3.93 2.99
N SER B 87 16.04 3.40 1.93
CA SER B 87 17.32 2.71 2.02
CA SER B 87 17.33 2.71 2.03
C SER B 87 18.36 3.35 1.12
N PRO B 88 19.65 3.18 1.46
CA PRO B 88 20.72 3.68 0.58
C PRO B 88 20.65 3.02 -0.78
N TYR B 89 19.92 1.90 -0.89
CA TYR B 89 19.92 1.13 -2.13
C TYR B 89 18.75 1.46 -3.06
N ASN B 90 17.79 2.23 -2.56
CA ASN B 90 16.63 2.60 -3.38
C ASN B 90 16.30 4.08 -3.32
N SER B 91 17.17 4.87 -2.69
CA SER B 91 16.88 6.28 -2.47
C SER B 91 17.69 7.23 -3.34
N ARG B 92 17.01 8.19 -3.94
CA ARG B 92 17.66 9.23 -4.71
C ARG B 92 18.12 10.36 -3.80
N PHE B 93 19.33 10.86 -4.03
CA PHE B 93 19.81 12.00 -3.26
C PHE B 93 19.24 13.29 -3.81
N GLU B 94 18.75 14.16 -2.93
CA GLU B 94 18.15 15.42 -3.36
C GLU B 94 19.01 16.62 -2.95
N SER B 95 19.29 16.74 -1.66
CA SER B 95 20.00 17.91 -1.16
C SER B 95 20.53 17.66 0.25
N VAL B 96 21.49 18.47 0.67
CA VAL B 96 21.94 18.44 2.06
C VAL B 96 21.01 19.35 2.85
N ALA B 97 20.36 18.84 3.89
CA ALA B 97 19.32 19.61 4.56
C ALA B 97 18.87 19.06 5.90
N TRP B 98 18.56 19.97 6.82
CA TRP B 98 17.87 19.61 8.06
C TRP B 98 16.48 20.24 8.14
N SER B 99 16.09 20.89 7.04
CA SER B 99 14.73 21.36 6.84
C SER B 99 14.50 21.44 5.33
N ALA B 100 13.30 21.08 4.87
CA ALA B 100 13.11 20.93 3.43
C ALA B 100 11.68 21.01 2.91
N SER B 101 11.56 21.17 1.61
CA SER B 101 10.31 21.08 0.89
CA SER B 101 10.31 20.97 0.90
C SER B 101 10.60 20.57 -0.53
N ALA B 102 9.59 20.14 -1.25
CA ALA B 102 9.78 19.72 -2.63
C ALA B 102 8.44 19.63 -3.32
N CYS B 103 8.44 19.83 -4.64
CA CYS B 103 7.23 19.72 -5.45
C CYS B 103 7.56 19.68 -6.94
N HIS B 104 6.64 19.12 -7.71
CA HIS B 104 6.83 18.98 -9.16
C HIS B 104 5.87 19.91 -9.89
N ASP B 105 6.39 20.71 -10.82
CA ASP B 105 5.54 21.67 -11.53
C ASP B 105 4.92 21.07 -12.79
N GLY B 106 5.15 19.78 -13.01
CA GLY B 106 4.67 19.11 -14.22
C GLY B 106 5.79 18.85 -15.20
N ILE B 107 6.88 19.61 -15.08
CA ILE B 107 8.03 19.44 -15.94
C ILE B 107 9.20 18.81 -15.18
N ASN B 108 9.53 19.39 -14.04
CA ASN B 108 10.65 18.93 -13.23
C ASN B 108 10.41 19.04 -11.74
N TRP B 109 11.29 18.42 -10.96
CA TRP B 109 11.25 18.51 -9.51
C TRP B 109 11.93 19.77 -9.00
N LEU B 110 11.25 20.49 -8.12
CA LEU B 110 11.87 21.54 -7.34
C LEU B 110 12.12 20.98 -5.95
N THR B 111 13.35 21.10 -5.46
CA THR B 111 13.62 20.74 -4.08
C THR B 111 14.27 21.92 -3.37
N ILE B 112 13.94 22.06 -2.10
CA ILE B 112 14.48 23.12 -1.27
C ILE B 112 15.10 22.47 -0.04
N GLY B 113 16.39 22.68 0.16
CA GLY B 113 17.08 22.07 1.29
C GLY B 113 17.89 23.09 2.07
N ILE B 114 17.58 23.22 3.36
CA ILE B 114 18.26 24.18 4.21
C ILE B 114 19.32 23.51 5.07
N SER B 115 20.55 24.01 4.97
CA SER B 115 21.63 23.52 5.82
C SER B 115 22.47 24.70 6.29
N GLY B 116 23.55 24.41 7.01
CA GLY B 116 24.38 25.48 7.56
C GLY B 116 24.12 25.70 9.03
N PRO B 117 24.79 26.71 9.61
CA PRO B 117 24.69 27.01 11.05
C PRO B 117 23.34 27.63 11.43
N ASP B 118 22.96 27.49 12.69
CA ASP B 118 21.70 28.03 13.18
C ASP B 118 21.59 29.54 12.95
N ASN B 119 22.71 30.24 13.00
CA ASN B 119 22.71 31.70 12.91
C ASN B 119 22.90 32.24 11.49
N GLY B 120 22.91 31.34 10.50
CA GLY B 120 23.10 31.76 9.12
C GLY B 120 22.80 30.69 8.10
N ALA B 121 21.72 29.94 8.33
CA ALA B 121 21.35 28.84 7.46
C ALA B 121 21.04 29.31 6.04
N VAL B 122 21.27 28.43 5.07
CA VAL B 122 21.02 28.75 3.67
C VAL B 122 20.14 27.70 3.00
N ALA B 123 19.06 28.15 2.38
CA ALA B 123 18.22 27.27 1.59
C ALA B 123 18.76 27.15 0.17
N VAL B 124 19.08 25.93 -0.23
CA VAL B 124 19.54 25.68 -1.59
C VAL B 124 18.38 25.14 -2.43
N LEU B 125 18.05 25.88 -3.49
CA LEU B 125 16.97 25.47 -4.37
C LEU B 125 17.51 24.73 -5.59
N LYS B 126 16.91 23.60 -5.92
CA LYS B 126 17.30 22.83 -7.09
C LYS B 126 16.11 22.59 -8.01
N TYR B 127 16.36 22.67 -9.31
CA TYR B 127 15.37 22.32 -10.32
C TYR B 127 16.01 21.23 -11.16
N ASN B 128 15.37 20.07 -11.20
CA ASN B 128 15.95 18.92 -11.89
C ASN B 128 17.35 18.61 -11.37
N GLY B 129 17.57 18.76 -10.07
CA GLY B 129 18.82 18.40 -9.43
C GLY B 129 19.98 19.36 -9.68
N ILE B 130 19.67 20.49 -10.32
CA ILE B 130 20.68 21.51 -10.60
C ILE B 130 20.41 22.73 -9.71
N ILE B 131 21.43 23.24 -9.02
CA ILE B 131 21.20 24.40 -8.17
C ILE B 131 20.74 25.62 -8.96
N THR B 132 19.62 26.19 -8.55
CA THR B 132 19.06 27.31 -9.30
C THR B 132 18.95 28.58 -8.47
N ASP B 133 19.05 28.47 -7.15
CA ASP B 133 18.92 29.66 -6.31
C ASP B 133 19.25 29.32 -4.87
N THR B 134 19.50 30.37 -4.09
CA THR B 134 19.67 30.22 -2.65
C THR B 134 19.01 31.39 -1.96
N ILE B 135 18.57 31.17 -0.73
CA ILE B 135 18.07 32.25 0.11
C ILE B 135 18.62 32.04 1.51
N LYS B 136 19.23 33.08 2.07
CA LYS B 136 19.89 32.97 3.35
C LYS B 136 19.06 33.54 4.49
N SER B 137 19.24 32.96 5.67
CA SER B 137 18.58 33.42 6.89
C SER B 137 18.60 34.95 6.96
N TRP B 138 17.44 35.55 7.26
CA TRP B 138 17.36 37.00 7.36
C TRP B 138 17.17 37.47 8.80
N ARG B 139 16.92 36.53 9.71
CA ARG B 139 16.83 36.84 11.14
C ARG B 139 17.91 36.11 11.94
N ASN B 140 18.75 35.36 11.25
CA ASN B 140 19.84 34.63 11.88
C ASN B 140 19.37 33.73 13.03
N ASN B 141 18.21 33.12 12.87
CA ASN B 141 17.66 32.26 13.92
C ASN B 141 16.91 31.06 13.37
N ILE B 142 17.67 30.10 12.86
CA ILE B 142 17.13 28.84 12.34
C ILE B 142 16.10 29.02 11.23
N LEU B 143 16.58 29.44 10.06
CA LEU B 143 15.75 29.48 8.87
C LEU B 143 15.15 28.09 8.69
N ARG B 144 13.84 28.02 8.48
CA ARG B 144 13.17 26.73 8.39
C ARG B 144 11.95 26.79 7.48
N THR B 145 11.58 25.63 6.91
CA THR B 145 10.50 25.61 5.94
C THR B 145 9.44 24.53 6.21
N GLN B 146 8.75 24.08 5.16
CA GLN B 146 7.54 23.26 5.30
C GLN B 146 7.69 21.88 5.95
N GLU B 147 8.69 21.13 5.52
CA GLU B 147 8.77 19.70 5.81
C GLU B 147 7.59 18.96 5.18
N SER B 148 7.01 19.57 4.15
CA SER B 148 6.05 18.88 3.28
C SER B 148 6.09 19.53 1.90
N GLU B 149 5.25 19.08 0.98
CA GLU B 149 5.38 19.52 -0.41
C GLU B 149 5.01 20.98 -0.62
N CYS B 150 5.75 21.67 -1.49
CA CYS B 150 5.33 22.99 -1.95
C CYS B 150 4.14 22.82 -2.90
N ALA B 151 3.55 23.95 -3.32
CA ALA B 151 2.36 23.90 -4.16
C ALA B 151 2.58 24.60 -5.48
N CYS B 152 2.18 23.96 -6.58
CA CYS B 152 2.44 24.50 -7.92
C CYS B 152 1.17 24.82 -8.68
N VAL B 153 1.18 25.98 -9.34
CA VAL B 153 0.08 26.41 -10.19
C VAL B 153 0.63 27.06 -11.45
N ASN B 154 0.27 26.52 -12.61
CA ASN B 154 0.66 27.08 -13.90
C ASN B 154 2.14 27.47 -14.01
N GLY B 155 3.03 26.56 -13.61
CA GLY B 155 4.46 26.79 -13.76
C GLY B 155 5.11 27.55 -12.63
N SER B 156 4.30 27.98 -11.67
CA SER B 156 4.84 28.65 -10.50
C SER B 156 4.58 27.80 -9.27
N CYS B 157 5.61 27.63 -8.45
CA CYS B 157 5.48 26.89 -7.21
C CYS B 157 5.70 27.82 -6.02
N PHE B 158 5.03 27.53 -4.91
CA PHE B 158 5.03 28.42 -3.76
C PHE B 158 5.36 27.70 -2.47
N THR B 159 6.06 28.38 -1.57
CA THR B 159 6.38 27.82 -0.26
C THR B 159 6.40 28.92 0.79
N VAL B 160 6.51 28.53 2.05
CA VAL B 160 6.61 29.47 3.16
C VAL B 160 7.83 29.13 4.00
N MET B 161 8.58 30.15 4.41
CA MET B 161 9.71 29.94 5.30
C MET B 161 9.61 30.84 6.52
N THR B 162 10.20 30.38 7.62
CA THR B 162 10.19 31.12 8.87
C THR B 162 11.60 31.31 9.40
N ASP B 163 11.83 32.46 10.04
CA ASP B 163 13.12 32.75 10.65
C ASP B 163 12.83 33.54 11.92
N GLY B 164 13.48 33.17 13.02
CA GLY B 164 13.21 33.81 14.29
C GLY B 164 12.81 32.82 15.38
N PRO B 165 12.45 33.33 16.55
CA PRO B 165 12.13 32.54 17.75
C PRO B 165 11.08 31.46 17.51
N SER B 166 11.23 30.36 18.25
CA SER B 166 10.25 29.27 18.22
C SER B 166 9.24 29.48 19.34
N ASN B 167 9.52 30.44 20.22
CA ASN B 167 8.70 30.69 21.40
C ASN B 167 8.24 32.13 21.50
N GLY B 168 8.11 32.79 20.36
CA GLY B 168 7.70 34.18 20.33
C GLY B 168 7.55 34.67 18.91
N GLN B 169 7.28 35.95 18.75
CA GLN B 169 7.09 36.52 17.41
C GLN B 169 8.28 36.21 16.52
N ALA B 170 8.00 35.69 15.34
CA ALA B 170 9.03 35.43 14.35
C ALA B 170 8.68 36.11 13.03
N SER B 171 9.43 35.79 11.99
CA SER B 171 9.24 36.40 10.68
C SER B 171 8.88 35.31 9.67
N TYR B 172 7.85 35.56 8.86
CA TYR B 172 7.33 34.57 7.93
C TYR B 172 7.26 35.15 6.51
N LYS B 173 7.84 34.43 5.55
CA LYS B 173 7.87 34.89 4.17
C LYS B 173 7.26 33.88 3.20
N ILE B 174 6.53 34.39 2.21
CA ILE B 174 6.01 33.55 1.14
C ILE B 174 6.87 33.72 -0.10
N PHE B 175 7.11 32.62 -0.82
CA PHE B 175 7.96 32.66 -2.00
C PHE B 175 7.25 32.13 -3.24
N ARG B 176 7.45 32.81 -4.37
CA ARG B 176 7.00 32.31 -5.66
C ARG B 176 8.23 31.91 -6.46
N ILE B 177 8.24 30.66 -6.92
CA ILE B 177 9.41 30.09 -7.54
C ILE B 177 9.08 29.57 -8.94
N GLU B 178 9.90 29.94 -9.92
CA GLU B 178 9.70 29.47 -11.28
C GLU B 178 10.97 28.85 -11.84
N LYS B 179 10.88 27.57 -12.22
CA LYS B 179 12.03 26.80 -12.67
C LYS B 179 13.19 26.91 -11.67
N GLY B 180 12.85 26.86 -10.39
CA GLY B 180 13.85 26.84 -9.33
C GLY B 180 14.38 28.20 -8.95
N LYS B 181 13.88 29.25 -9.60
CA LYS B 181 14.33 30.61 -9.32
C LYS B 181 13.26 31.38 -8.55
N ILE B 182 13.67 32.06 -7.49
CA ILE B 182 12.75 32.91 -6.75
C ILE B 182 12.46 34.16 -7.59
N VAL B 183 11.20 34.34 -7.97
CA VAL B 183 10.81 35.49 -8.79
C VAL B 183 10.08 36.55 -7.97
N LYS B 184 9.64 36.16 -6.79
CA LYS B 184 8.96 37.09 -5.90
C LYS B 184 8.84 36.52 -4.49
N SER B 185 8.90 37.41 -3.50
CA SER B 185 8.68 37.02 -2.12
C SER B 185 8.03 38.18 -1.38
N VAL B 186 7.32 37.87 -0.31
CA VAL B 186 6.74 38.91 0.53
C VAL B 186 6.74 38.47 1.98
N GLU B 187 7.02 39.40 2.88
CA GLU B 187 6.94 39.09 4.30
C GLU B 187 5.52 39.29 4.80
N MET B 188 4.97 38.26 5.42
CA MET B 188 3.64 38.34 5.98
C MET B 188 3.60 39.30 7.16
N ASN B 189 2.63 40.21 7.13
CA ASN B 189 2.41 41.13 8.24
C ASN B 189 1.47 40.48 9.24
N ALA B 190 2.04 39.68 10.15
CA ALA B 190 1.23 38.86 11.04
C ALA B 190 1.63 39.01 12.50
N PRO B 191 1.49 40.22 13.05
CA PRO B 191 1.79 40.41 14.47
C PRO B 191 0.91 39.51 15.32
N ASN B 192 1.50 38.86 16.32
CA ASN B 192 0.78 37.98 17.23
C ASN B 192 0.43 36.62 16.63
N TYR B 193 0.86 36.42 15.38
CA TYR B 193 0.74 35.11 14.72
C TYR B 193 2.07 34.38 14.83
N HIS B 194 2.03 33.06 14.70
CA HIS B 194 3.25 32.26 14.58
C HIS B 194 3.03 31.16 13.54
N TYR B 195 3.90 31.13 12.54
CA TYR B 195 3.79 30.16 11.45
C TYR B 195 5.04 29.29 11.35
N GLU B 196 4.84 27.97 11.33
CA GLU B 196 5.93 27.02 11.11
C GLU B 196 5.42 25.82 10.34
N GLU B 197 6.30 25.21 9.55
CA GLU B 197 6.02 23.90 8.94
C GLU B 197 4.68 23.84 8.22
N CYS B 198 4.43 24.80 7.33
CA CYS B 198 3.14 24.88 6.65
C CYS B 198 2.87 23.71 5.72
N SER B 199 1.63 23.23 5.75
CA SER B 199 1.15 22.27 4.76
C SER B 199 0.31 23.03 3.74
N CYS B 200 0.88 23.21 2.54
CA CYS B 200 0.25 24.03 1.50
C CYS B 200 -0.24 23.18 0.34
N TYR B 201 -1.38 23.56 -0.21
CA TYR B 201 -1.91 22.87 -1.38
C TYR B 201 -2.58 23.87 -2.31
N PRO B 202 -2.68 23.53 -3.59
CA PRO B 202 -3.35 24.36 -4.60
C PRO B 202 -4.84 24.04 -4.64
N ASP B 203 -5.63 25.05 -4.95
CA ASP B 203 -7.07 24.91 -5.01
C ASP B 203 -7.58 26.10 -5.81
N SER B 204 -8.12 25.82 -7.00
CA SER B 204 -8.66 26.89 -7.85
C SER B 204 -7.66 28.04 -8.09
N SER B 205 -6.45 27.69 -8.50
CA SER B 205 -5.38 28.65 -8.86
C SER B 205 -4.77 29.40 -7.69
N GLU B 206 -5.20 29.12 -6.47
CA GLU B 206 -4.67 29.80 -5.32
C GLU B 206 -4.14 28.80 -4.30
N ILE B 207 -3.34 29.29 -3.36
CA ILE B 207 -2.68 28.41 -2.40
C ILE B 207 -3.22 28.60 -1.00
N THR B 208 -3.52 27.49 -0.33
CA THR B 208 -3.93 27.52 1.07
C THR B 208 -2.95 26.72 1.92
N CYS B 209 -2.46 27.35 2.98
CA CYS B 209 -1.50 26.71 3.89
C CYS B 209 -2.07 26.63 5.30
N VAL B 210 -1.96 25.46 5.91
CA VAL B 210 -2.30 25.29 7.32
C VAL B 210 -1.04 24.88 8.07
N CYS B 211 -0.72 25.61 9.11
CA CYS B 211 0.61 25.55 9.70
C CYS B 211 0.62 25.28 11.21
N ARG B 212 1.78 25.51 11.83
CA ARG B 212 1.98 25.24 13.24
C ARG B 212 2.37 26.52 13.98
N ASP B 213 1.58 26.88 14.99
CA ASP B 213 1.89 27.99 15.88
C ASP B 213 2.62 27.42 17.10
N ASN B 214 3.92 27.63 17.20
CA ASN B 214 4.70 27.04 18.29
C ASN B 214 4.76 27.97 19.51
N TRP B 215 4.20 29.16 19.34
CA TRP B 215 4.33 30.24 20.31
C TRP B 215 3.20 30.23 21.35
N HIS B 216 1.96 30.38 20.89
CA HIS B 216 0.83 30.50 21.81
C HIS B 216 -0.53 30.19 21.20
N GLY B 217 -0.58 29.17 20.36
CA GLY B 217 -1.84 28.77 19.75
C GLY B 217 -2.00 27.26 19.67
N SER B 218 -3.10 26.75 20.24
CA SER B 218 -3.37 25.31 20.19
C SER B 218 -4.28 24.96 19.01
N ASN B 219 -4.81 26.00 18.35
CA ASN B 219 -5.41 25.82 17.04
C ASN B 219 -4.35 26.17 15.99
N ARG B 220 -4.65 25.90 14.72
CA ARG B 220 -3.66 26.10 13.66
C ARG B 220 -3.86 27.39 12.88
N PRO B 221 -2.77 28.14 12.67
CA PRO B 221 -2.82 29.33 11.83
C PRO B 221 -2.89 28.93 10.36
N TRP B 222 -3.48 29.79 9.54
CA TRP B 222 -3.50 29.53 8.10
C TRP B 222 -3.15 30.79 7.33
N VAL B 223 -2.63 30.59 6.12
CA VAL B 223 -2.38 31.68 5.20
C VAL B 223 -2.75 31.21 3.81
N SER B 224 -3.47 32.05 3.08
CA SER B 224 -3.84 31.75 1.71
C SER B 224 -3.41 32.92 0.83
N PHE B 225 -3.13 32.64 -0.44
CA PHE B 225 -2.64 33.67 -1.35
C PHE B 225 -2.84 33.28 -2.80
N ASN B 226 -2.90 34.28 -3.67
CA ASN B 226 -2.93 34.03 -5.11
C ASN B 226 -1.51 34.01 -5.67
N GLN B 227 -1.40 33.82 -6.99
CA GLN B 227 -0.08 33.68 -7.60
C GLN B 227 0.72 34.96 -7.45
N ASN B 228 0.00 36.04 -7.13
CA ASN B 228 0.62 37.33 -6.93
C ASN B 228 1.13 37.55 -5.53
N LEU B 229 0.93 36.53 -4.69
CA LEU B 229 1.34 36.59 -3.30
C LEU B 229 0.51 37.58 -2.50
N GLU B 230 -0.65 37.98 -3.03
CA GLU B 230 -1.61 38.74 -2.25
C GLU B 230 -2.28 37.77 -1.28
N TYR B 231 -2.08 37.97 0.01
CA TYR B 231 -2.44 36.95 0.99
C TYR B 231 -3.54 37.36 1.98
N GLN B 232 -4.08 36.35 2.66
CA GLN B 232 -4.97 36.54 3.80
C GLN B 232 -4.49 35.61 4.91
N ILE B 233 -4.70 36.00 6.16
CA ILE B 233 -4.27 35.21 7.29
C ILE B 233 -5.36 35.03 8.33
N GLY B 234 -5.22 34.00 9.15
CA GLY B 234 -6.17 33.73 10.23
C GLY B 234 -5.83 32.46 10.96
N TYR B 235 -6.73 32.04 11.85
CA TYR B 235 -6.60 30.75 12.53
C TYR B 235 -7.87 29.94 12.31
N ILE B 236 -7.74 28.62 12.30
CA ILE B 236 -8.90 27.75 12.24
C ILE B 236 -9.75 27.95 13.49
N CYS B 237 -11.02 28.32 13.28
CA CYS B 237 -11.89 28.74 14.38
C CYS B 237 -12.43 27.59 15.22
N SER B 238 -12.52 26.41 14.62
CA SER B 238 -13.16 25.27 15.27
C SER B 238 -12.68 25.01 16.70
N GLY B 239 -13.63 24.61 17.55
CA GLY B 239 -13.30 24.20 18.91
C GLY B 239 -12.68 22.83 18.94
N ILE B 240 -12.67 22.18 17.78
CA ILE B 240 -11.93 20.92 17.62
C ILE B 240 -10.47 21.30 17.36
N PHE B 241 -9.72 21.53 18.43
CA PHE B 241 -8.36 22.06 18.29
C PHE B 241 -7.45 21.10 17.54
N GLY B 242 -6.62 21.64 16.64
CA GLY B 242 -5.86 20.83 15.72
C GLY B 242 -4.41 20.55 16.08
N ASP B 243 -3.85 21.33 17.01
CA ASP B 243 -2.44 21.19 17.34
C ASP B 243 -2.21 20.16 18.44
N ASN B 244 -0.94 19.90 18.74
CA ASN B 244 -0.55 19.03 19.84
C ASN B 244 0.73 19.60 20.45
N PRO B 245 0.69 19.95 21.74
CA PRO B 245 -0.43 19.74 22.66
C PRO B 245 -1.60 20.70 22.43
N ARG B 246 -2.66 20.49 23.20
CA ARG B 246 -3.87 21.30 23.08
C ARG B 246 -4.77 21.04 24.28
N PRO B 247 -5.78 21.88 24.49
CA PRO B 247 -6.76 21.62 25.55
C PRO B 247 -7.78 20.59 25.09
N ASN B 248 -8.63 20.12 25.99
CA ASN B 248 -9.79 19.35 25.58
C ASN B 248 -10.67 20.21 24.70
N ASP B 249 -11.41 19.59 23.80
CA ASP B 249 -12.29 20.33 22.89
C ASP B 249 -13.27 21.21 23.65
N LYS B 250 -13.40 22.45 23.20
CA LYS B 250 -14.33 23.41 23.80
C LYS B 250 -14.52 24.56 22.83
N THR B 251 -15.16 25.64 23.27
CA THR B 251 -15.34 26.80 22.40
C THR B 251 -14.00 27.30 21.91
N GLY B 252 -13.87 27.44 20.59
CA GLY B 252 -12.60 27.81 19.99
C GLY B 252 -12.47 29.30 19.76
N SER B 253 -11.48 29.68 18.96
CA SER B 253 -11.25 31.08 18.63
C SER B 253 -10.72 31.22 17.21
N CYS B 254 -11.05 32.33 16.58
CA CYS B 254 -10.56 32.62 15.24
C CYS B 254 -9.19 33.29 15.31
N GLY B 255 -8.72 33.49 16.55
CA GLY B 255 -7.35 33.91 16.80
C GLY B 255 -6.62 32.77 17.48
N PRO B 256 -5.35 33.00 17.85
CA PRO B 256 -4.57 31.93 18.52
C PRO B 256 -5.14 31.57 19.88
N VAL B 257 -5.36 30.28 20.11
CA VAL B 257 -5.87 29.79 21.39
C VAL B 257 -4.70 29.57 22.35
N SER B 258 -4.62 30.42 23.37
CA SER B 258 -3.47 30.45 24.28
C SER B 258 -3.31 29.20 25.13
N SER B 259 -4.43 28.60 25.53
CA SER B 259 -4.38 27.42 26.39
C SER B 259 -3.59 26.29 25.72
N ASN B 260 -2.55 25.82 26.42
CA ASN B 260 -1.69 24.76 25.88
C ASN B 260 -1.13 25.15 24.52
N GLY B 261 -0.97 26.44 24.31
CA GLY B 261 -0.58 26.98 23.01
C GLY B 261 0.88 26.85 22.68
N ALA B 262 1.75 26.82 23.69
CA ALA B 262 3.18 26.67 23.45
C ALA B 262 3.51 25.31 22.85
N ASN B 263 4.62 25.24 22.12
CA ASN B 263 5.04 24.01 21.47
C ASN B 263 4.03 23.59 20.40
N GLY B 264 4.14 22.36 19.89
CA GLY B 264 3.23 21.94 18.85
C GLY B 264 3.73 20.79 18.00
N VAL B 265 3.07 20.57 16.88
CA VAL B 265 3.47 19.54 15.93
C VAL B 265 3.04 19.96 14.53
N LYS B 266 3.82 19.58 13.52
CA LYS B 266 3.41 19.86 12.15
C LYS B 266 2.11 19.13 11.85
N GLY B 267 1.19 19.83 11.18
CA GLY B 267 -0.07 19.23 10.80
C GLY B 267 -0.64 19.83 9.52
N PHE B 268 -1.90 19.54 9.26
CA PHE B 268 -2.55 20.02 8.05
C PHE B 268 -4.06 20.07 8.25
N SER B 269 -4.75 20.69 7.30
CA SER B 269 -6.20 20.65 7.23
C SER B 269 -6.61 21.03 5.82
N PHE B 270 -7.78 20.56 5.40
CA PHE B 270 -8.30 20.90 4.07
C PHE B 270 -9.55 21.76 4.22
N LYS B 271 -9.54 22.94 3.61
CA LYS B 271 -10.67 23.85 3.67
C LYS B 271 -11.67 23.59 2.56
N TYR B 272 -12.95 23.51 2.94
CA TYR B 272 -14.05 23.43 1.99
C TYR B 272 -15.13 24.43 2.41
N GLY B 273 -15.07 25.63 1.86
CA GLY B 273 -15.98 26.69 2.27
C GLY B 273 -15.80 26.99 3.74
N ASN B 274 -16.88 26.95 4.50
CA ASN B 274 -16.82 27.18 5.93
C ASN B 274 -16.38 25.92 6.67
N GLY B 275 -16.33 24.81 5.94
CA GLY B 275 -16.01 23.53 6.54
C GLY B 275 -14.53 23.20 6.49
N VAL B 276 -14.14 22.15 7.21
CA VAL B 276 -12.73 21.77 7.25
C VAL B 276 -12.55 20.30 7.59
N TRP B 277 -11.67 19.62 6.84
CA TRP B 277 -11.21 18.30 7.21
C TRP B 277 -9.98 18.46 8.10
N ILE B 278 -10.09 18.06 9.36
CA ILE B 278 -9.01 18.21 10.32
C ILE B 278 -8.32 16.89 10.62
N GLY B 279 -7.02 16.84 10.38
CA GLY B 279 -6.21 15.71 10.83
C GLY B 279 -5.49 16.08 12.11
N ARG B 280 -5.57 15.22 13.12
CA ARG B 280 -4.92 15.52 14.38
C ARG B 280 -4.62 14.27 15.21
N THR B 281 -3.70 14.41 16.17
CA THR B 281 -3.43 13.34 17.11
C THR B 281 -4.70 13.05 17.92
N LYS B 282 -4.76 11.90 18.54
CA LYS B 282 -5.88 11.57 19.43
C LYS B 282 -5.62 12.08 20.84
N SER B 283 -4.36 12.05 21.26
CA SER B 283 -3.97 12.57 22.56
C SER B 283 -3.86 14.08 22.52
N ILE B 284 -4.25 14.74 23.61
CA ILE B 284 -4.14 16.19 23.69
C ILE B 284 -2.78 16.63 24.21
N SER B 285 -1.99 15.68 24.70
CA SER B 285 -0.76 16.02 25.41
C SER B 285 0.50 15.41 24.80
N SER B 286 0.35 14.40 23.95
CA SER B 286 1.49 13.71 23.36
CA SER B 286 1.49 13.74 23.35
C SER B 286 1.22 13.32 21.91
N ARG B 287 2.28 13.00 21.18
CA ARG B 287 2.15 12.62 19.78
C ARG B 287 1.71 11.16 19.65
N ASN B 288 0.47 10.90 20.08
CA ASN B 288 -0.12 9.57 20.03
C ASN B 288 -1.46 9.56 19.31
N GLY B 289 -1.67 8.54 18.49
CA GLY B 289 -2.92 8.38 17.77
C GLY B 289 -3.07 9.37 16.63
N PHE B 290 -4.04 9.11 15.75
CA PHE B 290 -4.37 10.05 14.69
C PHE B 290 -5.79 9.81 14.20
N GLU B 291 -6.46 10.89 13.83
CA GLU B 291 -7.83 10.80 13.38
C GLU B 291 -8.14 11.91 12.37
N MET B 292 -9.10 11.64 11.50
CA MET B 292 -9.61 12.65 10.57
C MET B 292 -11.01 13.06 10.99
N ILE B 293 -11.23 14.36 11.08
CA ILE B 293 -12.52 14.90 11.50
C ILE B 293 -13.07 15.85 10.45
N TRP B 294 -14.33 15.64 10.06
CA TRP B 294 -15.00 16.57 9.17
C TRP B 294 -15.89 17.49 9.99
N ASP B 295 -15.58 18.78 9.95
CA ASP B 295 -16.35 19.78 10.66
C ASP B 295 -16.91 20.79 9.66
N PRO B 296 -18.21 20.68 9.35
CA PRO B 296 -18.89 21.44 8.28
C PRO B 296 -18.79 22.96 8.41
N ASN B 297 -18.58 23.48 9.61
CA ASN B 297 -18.37 24.92 9.75
C ASN B 297 -17.14 25.26 10.60
N GLY B 298 -16.21 24.31 10.67
CA GLY B 298 -15.04 24.44 11.53
C GLY B 298 -14.01 25.46 11.11
N TRP B 299 -14.04 25.88 9.84
CA TRP B 299 -13.06 26.87 9.40
C TRP B 299 -13.37 28.24 10.00
N THR B 300 -14.65 28.57 10.08
CA THR B 300 -15.07 29.90 10.50
C THR B 300 -15.90 29.89 11.79
N GLY B 301 -16.31 28.71 12.23
CA GLY B 301 -17.14 28.57 13.41
C GLY B 301 -16.36 28.08 14.63
N THR B 302 -16.76 28.52 15.81
CA THR B 302 -15.98 28.25 17.01
C THR B 302 -16.50 27.11 17.90
N ASP B 303 -17.66 26.56 17.57
CA ASP B 303 -18.22 25.48 18.39
C ASP B 303 -17.37 24.21 18.27
N ASN B 304 -17.63 23.24 19.14
CA ASN B 304 -16.85 22.00 19.15
C ASN B 304 -17.63 20.80 18.65
N ASN B 305 -18.62 21.06 17.80
CA ASN B 305 -19.40 19.98 17.19
C ASN B 305 -18.79 19.57 15.86
N PHE B 306 -18.93 18.31 15.49
CA PHE B 306 -18.43 17.82 14.20
C PHE B 306 -19.33 16.71 13.70
N SER B 307 -19.20 16.37 12.42
CA SER B 307 -20.10 15.40 11.78
CA SER B 307 -20.10 15.40 11.80
C SER B 307 -19.47 14.03 11.56
N ILE B 308 -18.19 14.02 11.18
CA ILE B 308 -17.52 12.76 10.87
C ILE B 308 -16.19 12.62 11.60
N LYS B 309 -15.94 11.43 12.14
CA LYS B 309 -14.61 11.09 12.66
C LYS B 309 -14.16 9.73 12.16
N GLN B 310 -12.96 9.68 11.59
CA GLN B 310 -12.39 8.44 11.10
C GLN B 310 -11.07 8.16 11.80
N ASP B 311 -10.96 6.99 12.44
CA ASP B 311 -9.73 6.60 13.11
C ASP B 311 -8.64 6.24 12.11
N ILE B 312 -7.41 6.62 12.44
CA ILE B 312 -6.26 6.37 11.56
C ILE B 312 -5.17 5.63 12.33
N VAL B 313 -4.88 6.10 13.53
CA VAL B 313 -3.94 5.44 14.43
C VAL B 313 -4.50 5.45 15.85
N GLY B 314 -4.45 4.29 16.52
CA GLY B 314 -4.98 4.17 17.86
C GLY B 314 -4.30 5.10 18.85
N ILE B 315 -5.05 5.51 19.88
CA ILE B 315 -4.53 6.46 20.85
C ILE B 315 -3.34 5.92 21.65
N ASN B 316 -3.24 4.60 21.74
CA ASN B 316 -2.13 3.96 22.45
C ASN B 316 -0.92 3.70 21.55
N GLU B 317 -0.96 4.25 20.34
CA GLU B 317 0.13 4.07 19.38
C GLU B 317 0.77 5.41 19.04
N TRP B 318 2.05 5.39 18.72
CA TRP B 318 2.77 6.62 18.40
C TRP B 318 2.39 7.18 17.03
N SER B 319 2.25 8.49 16.96
CA SER B 319 2.11 9.17 15.69
C SER B 319 3.23 10.20 15.56
N GLY B 320 2.90 11.40 15.08
CA GLY B 320 3.90 12.43 14.91
C GLY B 320 3.46 13.47 13.92
N TYR B 321 4.38 13.89 13.06
CA TYR B 321 4.07 14.86 12.02
C TYR B 321 3.01 14.32 11.05
N SER B 322 2.29 15.24 10.43
CA SER B 322 1.38 14.90 9.36
C SER B 322 1.34 16.06 8.37
N GLY B 323 1.01 15.76 7.13
CA GLY B 323 0.99 16.79 6.10
C GLY B 323 0.11 16.42 4.93
N SER B 324 -0.35 17.44 4.21
CA SER B 324 -1.15 17.23 3.03
C SER B 324 -0.26 16.92 1.83
N PHE B 325 -0.80 16.16 0.89
CA PHE B 325 -0.29 16.17 -0.49
C PHE B 325 -1.46 16.00 -1.43
N VAL B 326 -1.33 16.54 -2.64
CA VAL B 326 -2.41 16.44 -3.59
C VAL B 326 -2.02 15.63 -4.82
N GLN B 327 -3.03 15.16 -5.53
CA GLN B 327 -2.82 14.53 -6.83
C GLN B 327 -3.60 15.35 -7.84
N HIS B 328 -2.88 15.87 -8.83
CA HIS B 328 -3.47 16.73 -9.84
C HIS B 328 -4.18 15.91 -10.90
N PRO B 329 -5.14 16.53 -11.61
CA PRO B 329 -5.84 15.88 -12.72
C PRO B 329 -4.87 15.34 -13.78
N GLU B 330 -3.73 15.99 -13.95
CA GLU B 330 -2.72 15.54 -14.89
C GLU B 330 -2.23 14.14 -14.54
N LEU B 331 -2.38 13.75 -13.28
CA LEU B 331 -1.94 12.44 -12.81
C LEU B 331 -3.10 11.45 -12.73
N THR B 332 -4.26 11.94 -12.26
CA THR B 332 -5.39 11.07 -11.95
C THR B 332 -6.39 10.93 -13.09
N GLY B 333 -6.53 11.96 -13.90
CA GLY B 333 -7.55 11.97 -14.94
C GLY B 333 -8.89 12.47 -14.43
N LEU B 334 -8.90 12.95 -13.18
CA LEU B 334 -10.10 13.50 -12.58
C LEU B 334 -10.27 14.96 -13.00
N ASP B 335 -11.42 15.54 -12.66
CA ASP B 335 -11.69 16.93 -13.00
C ASP B 335 -11.53 17.83 -11.78
N CYS B 336 -10.75 17.36 -10.81
CA CYS B 336 -10.49 18.12 -9.61
C CYS B 336 -9.16 17.70 -8.98
N ILE B 337 -8.69 18.51 -8.04
CA ILE B 337 -7.45 18.23 -7.33
C ILE B 337 -7.74 17.36 -6.11
N ARG B 338 -7.19 16.16 -6.10
CA ARG B 338 -7.49 15.19 -5.06
C ARG B 338 -6.63 15.38 -3.81
N PRO B 339 -7.29 15.45 -2.64
CA PRO B 339 -6.57 15.62 -1.37
C PRO B 339 -6.10 14.27 -0.83
N CYS B 340 -4.83 14.19 -0.45
CA CYS B 340 -4.32 13.04 0.28
C CYS B 340 -3.56 13.56 1.48
N PHE B 341 -3.16 12.67 2.39
CA PHE B 341 -2.33 13.07 3.52
C PHE B 341 -1.45 11.94 4.01
N TRP B 342 -0.35 12.29 4.66
CA TRP B 342 0.55 11.30 5.24
C TRP B 342 0.71 11.54 6.74
N VAL B 343 1.10 10.49 7.45
CA VAL B 343 1.37 10.60 8.87
C VAL B 343 2.73 9.99 9.19
N GLU B 344 3.54 10.71 9.94
CA GLU B 344 4.82 10.22 10.40
C GLU B 344 4.59 9.49 11.72
N LEU B 345 5.10 8.27 11.82
CA LEU B 345 4.99 7.50 13.04
C LEU B 345 6.36 7.46 13.72
N ILE B 346 6.53 8.30 14.74
CA ILE B 346 7.84 8.48 15.37
C ILE B 346 8.11 7.45 16.46
N ARG B 347 9.28 6.83 16.40
CA ARG B 347 9.70 5.86 17.41
C ARG B 347 11.03 6.29 18.02
N GLY B 348 11.27 5.89 19.27
CA GLY B 348 12.52 6.21 19.94
C GLY B 348 12.40 7.37 20.91
N ARG B 349 13.49 8.14 21.04
CA ARG B 349 13.52 9.27 21.96
C ARG B 349 12.58 10.37 21.50
N PRO B 350 12.05 11.15 22.45
CA PRO B 350 12.39 11.06 23.88
C PRO B 350 11.50 10.11 24.68
N LYS B 351 10.38 9.67 24.13
CA LYS B 351 9.40 8.88 24.89
C LYS B 351 9.80 7.42 25.12
N GLU B 352 10.68 6.90 24.28
CA GLU B 352 11.10 5.51 24.41
C GLU B 352 12.59 5.41 24.73
N ASN B 353 12.96 4.36 25.46
CA ASN B 353 14.32 4.22 25.95
C ASN B 353 15.29 3.64 24.92
N THR B 354 15.57 4.42 23.89
CA THR B 354 16.51 4.05 22.84
C THR B 354 17.60 5.10 22.73
N ILE B 355 18.63 4.84 21.94
CA ILE B 355 19.66 5.84 21.70
C ILE B 355 19.27 6.69 20.50
N TRP B 356 18.24 6.26 19.77
CA TRP B 356 17.90 6.84 18.48
C TRP B 356 16.46 7.33 18.40
N THR B 357 16.19 8.10 17.35
CA THR B 357 14.84 8.54 17.02
C THR B 357 14.66 8.38 15.50
N SER B 358 13.58 7.74 15.09
CA SER B 358 13.29 7.58 13.67
C SER B 358 11.80 7.39 13.47
N GLY B 359 11.34 7.46 12.23
CA GLY B 359 9.93 7.30 11.95
C GLY B 359 9.63 6.46 10.72
N SER B 360 8.44 5.87 10.69
CA SER B 360 7.91 5.25 9.50
C SER B 360 6.75 6.12 9.04
N SER B 361 6.03 5.67 8.01
CA SER B 361 4.94 6.49 7.48
C SER B 361 3.75 5.69 6.96
N ILE B 362 2.60 6.34 6.99
CA ILE B 362 1.40 5.85 6.33
C ILE B 362 0.80 7.01 5.54
N SER B 363 0.02 6.71 4.51
CA SER B 363 -0.67 7.75 3.76
C SER B 363 -2.05 7.30 3.33
N PHE B 364 -2.92 8.28 3.09
CA PHE B 364 -4.31 8.04 2.72
C PHE B 364 -4.71 9.03 1.63
N CYS B 365 -5.65 8.65 0.79
CA CYS B 365 -6.21 9.57 -0.19
C CYS B 365 -7.72 9.68 -0.06
N GLY B 366 -8.24 10.88 -0.31
CA GLY B 366 -9.67 11.14 -0.17
C GLY B 366 -10.50 10.52 -1.27
N VAL B 367 -11.63 9.94 -0.88
CA VAL B 367 -12.55 9.31 -1.83
C VAL B 367 -13.99 9.59 -1.42
N ASN B 368 -14.93 9.29 -2.31
CA ASN B 368 -16.35 9.41 -1.99
C ASN B 368 -17.05 8.07 -1.94
N SER B 369 -16.26 6.99 -2.10
CA SER B 369 -16.76 5.64 -1.92
C SER B 369 -16.54 5.23 -0.48
N ASP B 370 -16.92 4.00 -0.14
CA ASP B 370 -16.89 3.55 1.24
C ASP B 370 -15.47 3.43 1.82
N THR B 371 -15.33 3.83 3.07
CA THR B 371 -14.06 3.72 3.78
C THR B 371 -14.28 3.17 5.19
N VAL B 372 -13.19 2.94 5.92
CA VAL B 372 -13.28 2.42 7.27
C VAL B 372 -12.18 2.98 8.17
N GLY B 373 -12.51 3.20 9.44
CA GLY B 373 -11.52 3.61 10.41
C GLY B 373 -10.81 2.39 10.97
N TRP B 374 -9.55 2.57 11.36
CA TRP B 374 -8.78 1.48 11.96
C TRP B 374 -7.54 2.07 12.60
N SER B 375 -6.56 1.22 12.89
CA SER B 375 -5.28 1.68 13.37
C SER B 375 -4.16 1.00 12.57
N TRP B 376 -3.36 1.81 11.88
CA TRP B 376 -2.21 1.31 11.14
C TRP B 376 -0.94 1.92 11.74
N PRO B 377 -0.51 1.40 12.90
CA PRO B 377 0.62 1.97 13.65
C PRO B 377 1.97 1.52 13.10
N ASP B 378 3.04 2.02 13.69
CA ASP B 378 4.39 1.67 13.25
C ASP B 378 4.67 0.17 13.39
N GLY B 379 4.43 -0.36 14.59
CA GLY B 379 4.49 -1.79 14.81
C GLY B 379 5.85 -2.37 15.15
N ALA B 380 6.86 -1.52 15.29
CA ALA B 380 8.18 -2.00 15.67
C ALA B 380 8.24 -2.32 17.16
N GLU B 381 9.06 -3.30 17.52
CA GLU B 381 9.26 -3.67 18.91
C GLU B 381 10.58 -3.09 19.42
N LEU B 382 10.48 -2.11 20.32
CA LEU B 382 11.66 -1.46 20.89
C LEU B 382 11.91 -1.97 22.31
N PRO B 383 13.16 -1.87 22.78
CA PRO B 383 14.31 -1.31 22.06
C PRO B 383 14.89 -2.28 21.03
N PHE B 384 15.87 -1.80 20.27
CA PHE B 384 16.55 -2.63 19.28
C PHE B 384 17.86 -3.17 19.84
N THR B 385 18.53 -4.00 19.06
CA THR B 385 19.78 -4.62 19.47
C THR B 385 20.85 -3.60 19.86
N ILE B 386 20.84 -2.46 19.18
CA ILE B 386 21.85 -1.44 19.38
C ILE B 386 21.65 -0.66 20.68
N ASP B 387 20.45 -0.74 21.25
CA ASP B 387 20.11 0.08 22.40
C ASP B 387 20.61 -0.48 23.72
#